data_6W1W
#
_entry.id   6W1W
#
_cell.length_a   137.718
_cell.length_b   137.718
_cell.length_c   233.834
_cell.angle_alpha   90.000
_cell.angle_beta   90.000
_cell.angle_gamma   120.000
#
_symmetry.space_group_name_H-M   'P 32 2 1'
#
loop_
_entity.id
_entity.type
_entity.pdbx_description
1 polymer 'motility-associated killing factor MakB'
2 non-polymer 1,2-ETHANEDIOL
3 water water
#
_entity_poly.entity_id   1
_entity_poly.type   'polypeptide(L)'
_entity_poly.pdbx_seq_one_letter_code
;SNA(MSE)LSPNVDTALN(MSE)LTDVYTDFLGISNYDATCNSLFIGHVAKDPNWLVEVRSRTEILRAVMNEFMQQKPKI
FAQIITSFINYQTTFDACAQNSKAITSTKQWIECLQLLQKTLKQNITLTNEAQQVFTKSYNQAKNAEELLASSIQDGWNE
LASEEQAMVRIATEIGSLSQSIASLGANVTAAQLRAGKAYIQSMVTISYGVVMTTSVPFLSFAGALFTVGYSAYSTISSA
KEVQQDLDKLTQLQTLASEEAQAAAITKAIIQTLSNMSEEFLKIDDSLPALSLLWQDELDKVNELINALQSGSDPALLTD
LQTIKIASASWKTISEFVQLISLPPNVGKPVLVNTLNNTIQEQ
;
_entity_poly.pdbx_strand_id   A,B
#
# COMPACT_ATOMS: atom_id res chain seq x y z
N LEU A 5 -7.41 16.40 37.74
CA LEU A 5 -7.25 15.25 36.85
C LEU A 5 -7.51 15.61 35.39
N SER A 6 -7.02 16.76 34.95
CA SER A 6 -7.17 17.22 33.58
C SER A 6 -5.97 18.09 33.22
N PRO A 7 -5.62 18.18 31.94
CA PRO A 7 -4.51 19.03 31.54
C PRO A 7 -4.91 20.49 31.50
N ASN A 8 -3.92 21.35 31.27
CA ASN A 8 -4.18 22.77 31.03
C ASN A 8 -4.89 22.91 29.69
N VAL A 9 -6.17 23.30 29.73
CA VAL A 9 -7.01 23.26 28.54
C VAL A 9 -6.42 24.10 27.41
N ASP A 10 -5.78 25.22 27.77
CA ASP A 10 -5.12 26.02 26.75
C ASP A 10 -3.92 25.29 26.15
N THR A 11 -3.04 24.77 27.00
CA THR A 11 -1.88 24.05 26.50
C THR A 11 -2.28 22.76 25.79
N ALA A 12 -3.39 22.16 26.20
CA ALA A 12 -3.86 20.93 25.56
C ALA A 12 -4.34 21.19 24.14
N LEU A 13 -5.17 22.23 23.96
CA LEU A 13 -5.76 22.50 22.66
C LEU A 13 -4.73 22.94 21.62
N ASN A 14 -3.58 23.47 22.06
CA ASN A 14 -2.53 23.80 21.11
C ASN A 14 -1.84 22.54 20.59
N LEU A 16 -3.25 19.61 20.42
CA LEU A 16 -4.22 19.02 19.50
C LEU A 16 -4.14 19.68 18.13
N THR A 17 -4.00 21.00 18.09
CA THR A 17 -3.90 21.69 16.81
C THR A 17 -2.60 21.35 16.09
N ASP A 18 -1.50 21.23 16.84
CA ASP A 18 -0.21 20.97 16.22
C ASP A 18 -0.16 19.58 15.57
N VAL A 19 -0.82 18.59 16.18
CA VAL A 19 -0.89 17.28 15.52
C VAL A 19 -1.93 17.27 14.41
N TYR A 20 -2.92 18.15 14.47
CA TYR A 20 -3.86 18.31 13.36
C TYR A 20 -3.20 19.02 12.19
N THR A 21 -2.46 20.10 12.47
CA THR A 21 -1.71 20.81 11.44
C THR A 21 -0.73 19.87 10.75
N ASP A 22 0.05 19.11 11.53
CA ASP A 22 0.99 18.16 10.96
C ASP A 22 0.30 16.97 10.30
N PHE A 23 -0.99 16.77 10.55
CA PHE A 23 -1.73 15.77 9.80
C PHE A 23 -2.17 16.32 8.45
N LEU A 24 -2.69 17.55 8.42
CA LEU A 24 -3.16 18.15 7.18
C LEU A 24 -2.02 18.35 6.19
N GLY A 25 -0.93 18.97 6.63
CA GLY A 25 0.23 19.15 5.77
C GLY A 25 0.80 17.85 5.26
N ILE A 26 0.45 16.74 5.89
CA ILE A 26 0.88 15.42 5.47
C ILE A 26 -0.19 14.72 4.65
N SER A 27 -1.45 14.90 5.03
CA SER A 27 -2.55 14.19 4.39
C SER A 27 -2.72 14.56 2.92
N ASN A 28 -2.19 15.70 2.49
N ASN A 28 -2.20 15.71 2.50
CA ASN A 28 -2.27 16.09 1.09
CA ASN A 28 -2.26 16.13 1.11
C ASN A 28 -0.95 15.89 0.35
C ASN A 28 -0.95 15.89 0.35
N TYR A 29 0.12 15.50 1.05
CA TYR A 29 1.29 15.00 0.36
C TYR A 29 0.96 13.72 -0.39
N ASP A 30 0.04 12.93 0.17
CA ASP A 30 -0.51 11.79 -0.57
C ASP A 30 -1.23 12.26 -1.82
N ALA A 31 -2.21 13.16 -1.65
CA ALA A 31 -2.98 13.67 -2.78
C ALA A 31 -2.08 14.28 -3.84
N THR A 32 -1.05 15.02 -3.41
CA THR A 32 -0.06 15.53 -4.35
C THR A 32 0.60 14.39 -5.11
N CYS A 33 0.89 13.27 -4.42
CA CYS A 33 1.58 12.15 -5.05
C CYS A 33 0.69 11.42 -6.04
N ASN A 34 -0.60 11.30 -5.74
CA ASN A 34 -1.51 10.65 -6.69
C ASN A 34 -1.75 11.53 -7.90
N SER A 35 -1.94 12.83 -7.67
CA SER A 35 -2.20 13.77 -8.76
C SER A 35 -1.04 13.90 -9.73
N LEU A 36 0.18 13.60 -9.30
CA LEU A 36 1.35 13.82 -10.15
C LEU A 36 1.22 13.07 -11.47
N PHE A 37 1.40 13.80 -12.57
CA PHE A 37 1.35 13.27 -13.93
C PHE A 37 2.61 13.70 -14.66
N ILE A 38 3.19 12.80 -15.44
CA ILE A 38 4.38 13.11 -16.22
C ILE A 38 4.21 12.50 -17.62
N GLY A 39 4.08 13.36 -18.62
CA GLY A 39 3.97 12.94 -20.00
C GLY A 39 5.31 12.86 -20.69
N HIS A 40 5.28 12.91 -22.03
CA HIS A 40 6.47 12.70 -22.84
C HIS A 40 6.87 14.00 -23.54
N VAL A 41 8.16 14.09 -23.86
CA VAL A 41 8.71 15.19 -24.63
C VAL A 41 8.97 14.73 -26.06
N ALA A 42 9.77 15.50 -26.80
CA ALA A 42 10.08 15.16 -28.19
C ALA A 42 10.82 13.83 -28.29
N LYS A 43 12.14 13.86 -28.10
CA LYS A 43 12.92 12.64 -28.24
C LYS A 43 12.56 11.62 -27.18
N ASP A 44 12.08 12.07 -26.02
CA ASP A 44 11.77 11.23 -24.86
C ASP A 44 13.02 10.48 -24.44
N PRO A 45 14.00 11.17 -23.83
CA PRO A 45 15.29 10.53 -23.53
C PRO A 45 15.19 9.55 -22.37
N ASN A 46 16.33 8.97 -21.98
CA ASN A 46 16.31 7.90 -20.99
C ASN A 46 15.88 8.40 -19.62
N TRP A 47 16.50 9.50 -19.15
CA TRP A 47 16.23 9.96 -17.78
C TRP A 47 14.74 10.20 -17.56
N LEU A 48 14.01 10.57 -18.61
CA LEU A 48 12.58 10.89 -18.48
C LEU A 48 11.74 9.62 -18.36
N VAL A 49 12.02 8.62 -19.20
CA VAL A 49 11.37 7.31 -19.03
C VAL A 49 11.70 6.76 -17.65
N GLU A 50 12.94 6.99 -17.19
CA GLU A 50 13.32 6.59 -15.84
C GLU A 50 12.53 7.36 -14.79
N VAL A 51 12.30 8.67 -15.02
CA VAL A 51 11.60 9.49 -14.04
C VAL A 51 10.13 9.08 -13.95
N ARG A 52 9.50 8.79 -15.09
CA ARG A 52 8.11 8.35 -15.08
C ARG A 52 7.95 7.09 -14.24
N SER A 53 8.90 6.15 -14.36
CA SER A 53 8.84 4.92 -13.59
C SER A 53 8.95 5.19 -12.10
N ARG A 54 9.92 6.03 -11.70
CA ARG A 54 10.16 6.22 -10.28
C ARG A 54 9.05 7.03 -9.59
N THR A 55 8.25 7.78 -10.35
CA THR A 55 7.06 8.38 -9.77
C THR A 55 5.95 7.35 -9.58
N GLU A 56 5.95 6.31 -10.42
CA GLU A 56 4.99 5.23 -10.23
C GLU A 56 5.25 4.47 -8.93
N ILE A 57 6.51 4.40 -8.51
CA ILE A 57 6.79 3.73 -7.25
C ILE A 57 6.69 4.69 -6.08
N LEU A 58 6.92 5.98 -6.30
CA LEU A 58 6.67 6.98 -5.25
C LEU A 58 5.19 6.97 -4.86
N ARG A 59 4.31 6.94 -5.85
CA ARG A 59 2.89 6.78 -5.58
C ARG A 59 2.62 5.49 -4.80
N ALA A 60 3.31 4.40 -5.17
CA ALA A 60 3.06 3.11 -4.53
C ALA A 60 3.72 3.01 -3.17
N VAL A 61 4.88 3.64 -2.98
CA VAL A 61 5.55 3.62 -1.69
C VAL A 61 4.65 4.25 -0.63
N MET A 62 3.92 5.30 -0.99
CA MET A 62 3.06 5.99 -0.03
C MET A 62 1.72 5.30 0.18
N ASN A 63 1.36 4.33 -0.68
CA ASN A 63 0.09 3.63 -0.54
C ASN A 63 -0.05 2.93 0.80
N GLU A 64 1.06 2.59 1.45
CA GLU A 64 0.99 1.95 2.76
C GLU A 64 0.49 2.92 3.81
N PHE A 65 1.10 4.11 3.88
CA PHE A 65 0.66 5.12 4.84
C PHE A 65 -0.69 5.71 4.45
N MET A 66 -0.94 5.85 3.14
CA MET A 66 -2.17 6.48 2.66
C MET A 66 -3.42 5.80 3.23
N GLN A 67 -3.36 4.48 3.45
CA GLN A 67 -4.50 3.75 3.98
C GLN A 67 -4.48 3.66 5.50
N GLN A 68 -3.43 4.16 6.15
CA GLN A 68 -3.41 4.26 7.60
C GLN A 68 -3.73 5.66 8.10
N LYS A 69 -3.65 6.67 7.24
CA LYS A 69 -3.93 8.05 7.67
C LYS A 69 -5.35 8.22 8.20
N PRO A 70 -6.42 7.80 7.51
CA PRO A 70 -7.75 7.91 8.11
C PRO A 70 -7.95 7.02 9.32
N LYS A 71 -7.20 5.92 9.44
CA LYS A 71 -7.33 5.05 10.60
C LYS A 71 -6.68 5.69 11.83
N ILE A 72 -5.45 6.20 11.67
CA ILE A 72 -4.73 6.76 12.81
C ILE A 72 -5.40 8.05 13.29
N PHE A 73 -5.88 8.87 12.36
CA PHE A 73 -6.50 10.14 12.74
C PHE A 73 -7.78 9.90 13.53
N ALA A 74 -8.66 9.04 13.03
CA ALA A 74 -9.85 8.67 13.80
C ALA A 74 -9.48 8.00 15.12
N GLN A 75 -8.31 7.37 15.18
CA GLN A 75 -7.89 6.71 16.41
C GLN A 75 -7.49 7.73 17.48
N ILE A 76 -6.89 8.84 17.07
CA ILE A 76 -6.52 9.89 18.02
C ILE A 76 -7.69 10.84 18.31
N ILE A 77 -8.55 11.08 17.32
CA ILE A 77 -9.79 11.82 17.57
C ILE A 77 -10.59 11.12 18.65
N THR A 78 -10.90 9.83 18.45
CA THR A 78 -11.74 9.10 19.39
C THR A 78 -11.07 8.87 20.73
N SER A 79 -9.74 8.98 20.81
CA SER A 79 -9.06 8.74 22.07
C SER A 79 -9.40 9.81 23.10
N PHE A 80 -9.59 11.06 22.66
CA PHE A 80 -9.97 12.13 23.59
C PHE A 80 -11.47 12.19 23.81
N ILE A 81 -12.27 11.76 22.84
CA ILE A 81 -13.72 11.75 23.01
C ILE A 81 -14.14 10.63 23.94
N ASN A 82 -13.64 9.41 23.69
CA ASN A 82 -13.99 8.27 24.55
C ASN A 82 -13.48 8.47 25.98
N TYR A 83 -12.31 9.10 26.13
CA TYR A 83 -11.75 9.25 27.48
C TYR A 83 -12.60 10.18 28.34
N GLN A 84 -13.14 11.26 27.74
CA GLN A 84 -14.05 12.12 28.50
C GLN A 84 -15.32 11.38 28.85
N THR A 85 -15.74 10.43 28.02
CA THR A 85 -16.96 9.68 28.31
C THR A 85 -16.80 8.83 29.57
N THR A 86 -15.75 8.01 29.63
CA THR A 86 -15.53 7.18 30.80
C THR A 86 -15.08 8.01 32.01
N PHE A 87 -14.62 9.24 31.79
CA PHE A 87 -14.21 10.07 32.92
C PHE A 87 -15.43 10.61 33.67
N ASP A 88 -16.48 10.99 32.95
CA ASP A 88 -17.71 11.46 33.59
C ASP A 88 -18.39 10.37 34.41
N ALA A 89 -18.17 9.10 34.06
CA ALA A 89 -18.72 8.02 34.88
C ALA A 89 -18.14 8.03 36.29
N CYS A 90 -16.88 8.45 36.44
CA CYS A 90 -16.22 8.44 37.74
C CYS A 90 -16.35 9.77 38.48
N ALA A 91 -16.90 10.80 37.84
CA ALA A 91 -17.14 12.08 38.51
C ALA A 91 -18.63 12.14 38.87
N GLN A 92 -18.95 11.71 40.09
CA GLN A 92 -20.35 11.63 40.50
C GLN A 92 -20.52 11.77 42.00
N ASN A 93 -19.97 10.82 42.76
CA ASN A 93 -20.15 10.77 44.22
C ASN A 93 -21.63 10.74 44.57
N THR A 98 -20.70 6.33 47.85
CA THR A 98 -19.38 6.62 47.32
C THR A 98 -18.27 5.98 48.18
N SER A 99 -17.96 4.72 47.88
CA SER A 99 -17.02 3.96 48.68
C SER A 99 -15.58 4.14 48.20
N THR A 100 -14.64 3.91 49.12
CA THR A 100 -13.23 3.99 48.77
C THR A 100 -12.83 2.85 47.84
N LYS A 101 -13.45 1.68 48.00
CA LYS A 101 -13.24 0.60 47.04
C LYS A 101 -13.73 1.01 45.65
N GLN A 102 -14.88 1.69 45.59
CA GLN A 102 -15.45 2.09 44.31
C GLN A 102 -14.56 3.12 43.61
N TRP A 103 -13.94 4.01 44.37
CA TRP A 103 -13.02 4.97 43.78
C TRP A 103 -11.85 4.27 43.10
N ILE A 104 -11.30 3.23 43.73
CA ILE A 104 -10.17 2.52 43.14
C ILE A 104 -10.61 1.77 41.89
N GLU A 105 -11.76 1.09 41.95
CA GLU A 105 -12.26 0.39 40.77
C GLU A 105 -12.50 1.35 39.63
N CYS A 106 -12.98 2.57 39.93
CA CYS A 106 -13.18 3.56 38.89
C CYS A 106 -11.84 4.09 38.38
N LEU A 107 -10.90 4.34 39.29
CA LEU A 107 -9.62 4.90 38.89
C LEU A 107 -8.86 3.98 37.95
N GLN A 108 -8.81 2.68 38.27
CA GLN A 108 -8.06 1.78 37.39
C GLN A 108 -8.80 1.50 36.08
N LEU A 109 -10.08 1.88 35.97
CA LEU A 109 -10.70 1.92 34.65
C LEU A 109 -10.09 3.04 33.81
N LEU A 110 -9.85 4.20 34.42
CA LEU A 110 -9.13 5.26 33.73
C LEU A 110 -7.69 4.86 33.48
N GLN A 111 -7.06 4.19 34.45
CA GLN A 111 -5.66 3.80 34.32
C GLN A 111 -5.47 2.84 33.14
N LYS A 112 -6.41 1.93 32.93
CA LYS A 112 -6.33 1.06 31.77
C LYS A 112 -6.52 1.86 30.48
N THR A 113 -7.54 2.71 30.45
CA THR A 113 -7.80 3.51 29.25
C THR A 113 -6.65 4.47 28.98
N LEU A 114 -6.11 5.09 30.02
CA LEU A 114 -4.94 5.96 29.87
C LEU A 114 -3.78 5.18 29.25
N LYS A 115 -3.47 4.01 29.82
CA LYS A 115 -2.38 3.18 29.30
C LYS A 115 -2.59 2.85 27.83
N GLN A 116 -3.82 2.53 27.43
CA GLN A 116 -4.10 2.23 26.04
C GLN A 116 -3.83 3.44 25.15
N ASN A 117 -4.26 4.62 25.59
CA ASN A 117 -4.13 5.81 24.76
C ASN A 117 -2.67 6.17 24.51
N ILE A 118 -1.84 6.12 25.55
CA ILE A 118 -0.43 6.47 25.38
C ILE A 118 0.28 5.43 24.52
N THR A 119 -0.08 4.16 24.66
CA THR A 119 0.52 3.13 23.82
C THR A 119 0.19 3.36 22.34
N LEU A 120 -1.10 3.44 22.02
CA LEU A 120 -1.51 3.60 20.63
C LEU A 120 -1.06 4.93 20.04
N THR A 121 -0.66 5.90 20.86
CA THR A 121 -0.07 7.12 20.34
C THR A 121 1.37 6.90 19.92
N ASN A 122 2.17 6.27 20.79
CA ASN A 122 3.57 6.02 20.45
C ASN A 122 3.72 5.07 19.28
N GLU A 123 2.74 4.17 19.08
CA GLU A 123 2.75 3.33 17.88
C GLU A 123 2.34 4.13 16.65
N ALA A 124 1.49 5.14 16.82
CA ALA A 124 1.15 5.99 15.68
C ALA A 124 2.34 6.82 15.23
N GLN A 125 3.25 7.16 16.15
CA GLN A 125 4.40 7.95 15.78
C GLN A 125 5.38 7.15 14.93
N GLN A 126 5.44 5.83 15.14
CA GLN A 126 6.39 5.02 14.39
C GLN A 126 5.93 4.77 12.96
N VAL A 127 4.61 4.79 12.73
CA VAL A 127 4.11 4.60 11.38
C VAL A 127 4.52 5.77 10.49
N PHE A 128 4.45 7.00 11.03
CA PHE A 128 4.88 8.17 10.25
C PHE A 128 6.39 8.18 10.05
N THR A 129 7.15 7.77 11.06
CA THR A 129 8.60 7.75 10.92
C THR A 129 9.04 6.79 9.83
N LYS A 130 8.26 5.74 9.58
CA LYS A 130 8.60 4.82 8.50
C LYS A 130 8.22 5.40 7.14
N SER A 131 7.02 5.98 7.04
CA SER A 131 6.59 6.60 5.78
C SER A 131 7.39 7.85 5.44
N TYR A 132 7.99 8.52 6.43
CA TYR A 132 8.90 9.61 6.12
C TYR A 132 10.12 9.10 5.37
N ASN A 133 10.79 8.08 5.93
CA ASN A 133 11.98 7.52 5.30
C ASN A 133 11.63 6.86 3.96
N GLN A 134 10.43 6.28 3.87
CA GLN A 134 9.98 5.72 2.59
C GLN A 134 9.81 6.83 1.55
N ALA A 135 9.16 7.93 1.94
CA ALA A 135 9.01 9.06 1.03
C ALA A 135 10.37 9.69 0.69
N LYS A 136 11.27 9.75 1.68
CA LYS A 136 12.62 10.26 1.42
C LYS A 136 13.38 9.34 0.47
N ASN A 137 13.11 8.03 0.52
CA ASN A 137 13.80 7.11 -0.37
C ASN A 137 13.37 7.29 -1.82
N ALA A 138 12.06 7.24 -2.08
CA ALA A 138 11.57 7.38 -3.45
C ALA A 138 11.88 8.75 -4.03
N GLU A 139 12.02 9.76 -3.18
CA GLU A 139 12.40 11.08 -3.66
C GLU A 139 13.84 11.08 -4.18
N GLU A 140 14.77 10.55 -3.38
CA GLU A 140 16.17 10.52 -3.78
C GLU A 140 16.38 9.76 -5.08
N LEU A 141 15.51 8.80 -5.38
CA LEU A 141 15.59 8.11 -6.65
C LEU A 141 15.21 9.04 -7.80
N LEU A 142 14.15 9.82 -7.62
CA LEU A 142 13.79 10.83 -8.62
C LEU A 142 14.86 11.91 -8.72
N ALA A 143 15.33 12.39 -7.57
CA ALA A 143 16.38 13.42 -7.55
C ALA A 143 17.60 12.94 -8.32
N SER A 144 18.05 11.72 -8.06
CA SER A 144 19.19 11.18 -8.79
C SER A 144 18.87 11.02 -10.27
N SER A 145 17.62 10.70 -10.59
CA SER A 145 17.25 10.39 -11.97
C SER A 145 17.19 11.66 -12.83
N ILE A 146 16.61 12.75 -12.30
CA ILE A 146 16.60 14.01 -13.05
C ILE A 146 18.01 14.57 -13.15
N GLN A 147 18.81 14.40 -12.09
CA GLN A 147 20.19 14.87 -12.10
C GLN A 147 20.97 14.35 -13.28
N ASP A 148 20.69 13.12 -13.73
CA ASP A 148 21.34 12.61 -14.92
C ASP A 148 20.92 13.39 -16.15
N GLY A 149 19.63 13.74 -16.25
CA GLY A 149 19.19 14.60 -17.34
C GLY A 149 19.81 15.97 -17.30
N TRP A 150 20.10 16.47 -16.10
CA TRP A 150 20.73 17.78 -15.95
C TRP A 150 22.13 17.79 -16.55
N ASN A 151 22.93 16.76 -16.24
CA ASN A 151 24.34 16.77 -16.61
C ASN A 151 24.55 16.67 -18.13
N GLU A 152 23.66 15.97 -18.82
CA GLU A 152 23.76 15.87 -20.27
C GLU A 152 23.11 17.07 -20.97
N LEU A 153 22.57 18.01 -20.21
CA LEU A 153 22.03 19.26 -20.73
C LEU A 153 22.71 20.46 -20.07
N ALA A 154 24.01 20.34 -19.82
CA ALA A 154 24.74 21.34 -19.02
C ALA A 154 24.96 22.65 -19.75
N SER A 155 24.89 22.67 -21.08
CA SER A 155 25.06 23.92 -21.81
C SER A 155 23.93 24.91 -21.57
N GLU A 156 22.85 24.48 -20.89
CA GLU A 156 21.70 25.32 -20.60
C GLU A 156 21.39 25.36 -19.11
N GLU A 157 22.44 25.28 -18.28
CA GLU A 157 22.22 25.23 -16.84
C GLU A 157 21.60 26.53 -16.32
N GLN A 158 22.20 27.67 -16.68
CA GLN A 158 21.68 28.95 -16.24
C GLN A 158 20.23 29.14 -16.67
N ALA A 159 19.92 28.82 -17.93
CA ALA A 159 18.54 28.88 -18.40
C ALA A 159 17.63 27.94 -17.61
N MET A 160 18.17 26.82 -17.11
CA MET A 160 17.33 25.84 -16.42
C MET A 160 17.15 26.19 -14.95
N VAL A 161 18.17 26.77 -14.31
CA VAL A 161 18.03 27.18 -12.91
C VAL A 161 16.91 28.22 -12.77
N ARG A 162 16.81 29.13 -13.74
CA ARG A 162 15.78 30.16 -13.69
C ARG A 162 14.39 29.55 -13.81
N ILE A 163 14.22 28.58 -14.71
CA ILE A 163 12.92 27.97 -14.89
C ILE A 163 12.52 27.18 -13.64
N ALA A 164 13.47 26.47 -13.05
CA ALA A 164 13.16 25.72 -11.83
C ALA A 164 12.91 26.64 -10.64
N THR A 165 13.61 27.77 -10.59
CA THR A 165 13.41 28.72 -9.49
C THR A 165 12.08 29.46 -9.62
N GLU A 166 11.62 29.69 -10.85
CA GLU A 166 10.36 30.38 -11.05
C GLU A 166 9.17 29.49 -10.71
N ILE A 167 9.25 28.22 -11.12
CA ILE A 167 8.21 27.26 -10.77
C ILE A 167 8.11 27.11 -9.26
N GLY A 168 9.26 27.16 -8.58
CA GLY A 168 9.25 27.12 -7.13
C GLY A 168 8.78 28.42 -6.50
N SER A 169 9.03 29.54 -7.17
CA SER A 169 8.49 30.81 -6.69
C SER A 169 6.98 30.88 -6.93
N LEU A 170 6.54 30.45 -8.11
CA LEU A 170 5.10 30.38 -8.40
C LEU A 170 4.38 29.50 -7.37
N SER A 171 4.95 28.35 -7.03
CA SER A 171 4.27 27.46 -6.10
C SER A 171 4.22 28.05 -4.70
N GLN A 172 5.28 28.78 -4.30
CA GLN A 172 5.32 29.34 -2.96
C GLN A 172 4.43 30.58 -2.80
N SER A 173 4.17 31.32 -3.88
CA SER A 173 3.29 32.48 -3.75
C SER A 173 1.83 32.06 -3.69
N ILE A 174 1.46 30.98 -4.41
CA ILE A 174 0.13 30.41 -4.22
C ILE A 174 0.00 29.82 -2.82
N ALA A 175 1.11 29.43 -2.20
CA ALA A 175 1.07 28.89 -0.86
C ALA A 175 0.86 29.98 0.18
N SER A 176 1.25 31.22 -0.13
CA SER A 176 1.08 32.31 0.83
C SER A 176 -0.38 32.68 1.00
N LEU A 177 -1.19 32.52 -0.04
CA LEU A 177 -2.62 32.85 0.05
C LEU A 177 -3.37 31.94 1.00
N GLY A 178 -2.77 30.82 1.42
CA GLY A 178 -3.47 29.86 2.26
C GLY A 178 -3.55 30.30 3.71
N ALA A 179 -4.71 30.02 4.32
CA ALA A 179 -4.94 30.36 5.72
C ALA A 179 -4.11 29.47 6.64
N ASN A 180 -3.69 30.04 7.76
CA ASN A 180 -3.02 29.29 8.81
C ASN A 180 -4.04 28.70 9.76
N VAL A 181 -3.87 27.42 10.09
CA VAL A 181 -4.79 26.72 10.98
C VAL A 181 -4.23 26.83 12.39
N THR A 182 -4.93 27.56 13.26
CA THR A 182 -4.55 27.75 14.65
C THR A 182 -5.61 27.17 15.58
N ALA A 183 -5.37 27.29 16.88
CA ALA A 183 -6.28 26.80 17.91
C ALA A 183 -7.41 27.79 18.21
N ALA A 184 -7.09 29.07 18.37
CA ALA A 184 -8.12 30.07 18.60
C ALA A 184 -9.11 30.15 17.45
N GLN A 185 -8.63 29.88 16.23
CA GLN A 185 -9.54 29.83 15.09
C GLN A 185 -10.49 28.65 15.21
N LEU A 186 -9.96 27.45 15.41
CA LEU A 186 -10.78 26.25 15.45
C LEU A 186 -11.71 26.24 16.66
N ARG A 187 -11.21 26.68 17.83
CA ARG A 187 -12.07 26.72 19.01
C ARG A 187 -13.22 27.69 18.82
N ALA A 188 -13.00 28.78 18.08
CA ALA A 188 -14.04 29.78 17.84
C ALA A 188 -15.09 29.33 16.83
N GLY A 189 -14.95 28.13 16.25
CA GLY A 189 -15.92 27.61 15.33
C GLY A 189 -15.71 28.00 13.88
N LYS A 190 -14.69 28.79 13.58
CA LYS A 190 -14.40 29.17 12.20
C LYS A 190 -14.11 27.93 11.36
N ALA A 191 -14.77 27.84 10.21
CA ALA A 191 -14.68 26.66 9.35
C ALA A 191 -13.69 26.93 8.21
N TYR A 192 -12.82 25.96 7.97
CA TYR A 192 -11.84 26.04 6.89
C TYR A 192 -12.41 25.44 5.61
N ILE A 193 -11.80 25.82 4.48
CA ILE A 193 -12.20 25.35 3.16
C ILE A 193 -10.98 24.79 2.46
N GLN A 194 -11.09 23.54 2.02
CA GLN A 194 -10.01 22.83 1.34
C GLN A 194 -10.36 22.70 -0.13
N SER A 195 -9.56 23.32 -0.99
CA SER A 195 -9.75 23.27 -2.44
C SER A 195 -8.48 22.79 -3.11
N MET A 196 -8.63 21.97 -4.14
CA MET A 196 -7.48 21.38 -4.83
C MET A 196 -7.02 22.31 -5.95
N VAL A 197 -5.76 22.72 -5.89
CA VAL A 197 -5.19 23.63 -6.88
C VAL A 197 -4.27 22.80 -7.77
N THR A 198 -4.75 22.48 -8.97
CA THR A 198 -3.92 21.86 -9.98
C THR A 198 -3.10 22.92 -10.72
N ILE A 199 -1.79 22.77 -10.73
CA ILE A 199 -0.90 23.56 -11.57
C ILE A 199 -0.39 22.65 -12.68
N SER A 200 -0.62 23.06 -13.93
CA SER A 200 -0.33 22.22 -15.09
C SER A 200 0.74 22.88 -15.94
N TYR A 201 1.93 22.31 -15.93
CA TYR A 201 3.05 22.81 -16.70
C TYR A 201 3.07 22.15 -18.06
N GLY A 202 3.90 22.70 -18.95
CA GLY A 202 4.04 22.20 -20.31
C GLY A 202 5.34 22.69 -20.91
N VAL A 203 5.68 22.12 -22.06
CA VAL A 203 6.92 22.44 -22.77
C VAL A 203 6.54 22.96 -24.15
N VAL A 204 7.13 24.09 -24.55
CA VAL A 204 6.69 24.84 -25.73
C VAL A 204 7.77 24.79 -26.80
N MET A 205 7.34 25.07 -28.04
CA MET A 205 8.22 25.23 -29.19
C MET A 205 7.41 25.83 -30.33
N THR A 206 7.28 27.16 -30.36
CA THR A 206 6.44 27.93 -31.28
C THR A 206 4.96 27.68 -31.04
N THR A 207 4.62 26.63 -30.30
CA THR A 207 3.25 26.33 -29.86
C THR A 207 3.24 25.95 -28.38
N SER A 208 2.61 24.82 -28.06
CA SER A 208 2.53 24.35 -26.68
C SER A 208 2.13 22.89 -26.66
N VAL A 209 2.66 22.15 -25.68
CA VAL A 209 2.36 20.73 -25.50
C VAL A 209 2.26 20.42 -24.00
N PRO A 210 1.17 19.81 -23.52
CA PRO A 210 1.09 19.49 -22.09
C PRO A 210 2.12 18.45 -21.68
N PHE A 211 2.41 18.44 -20.38
CA PHE A 211 3.54 17.63 -19.89
C PHE A 211 3.30 17.14 -18.48
N LEU A 212 3.53 18.00 -17.49
CA LEU A 212 3.41 17.65 -16.08
C LEU A 212 2.25 18.42 -15.47
N SER A 213 1.64 17.82 -14.45
CA SER A 213 0.51 18.47 -13.77
C SER A 213 0.34 17.83 -12.40
N PHE A 214 0.73 18.53 -11.34
CA PHE A 214 0.51 18.04 -9.99
C PHE A 214 -0.38 19.02 -9.23
N ALA A 215 -1.06 18.50 -8.21
CA ALA A 215 -2.09 19.23 -7.50
C ALA A 215 -1.79 19.29 -6.01
N GLY A 216 -2.53 20.12 -5.31
CA GLY A 216 -2.34 20.32 -3.89
C GLY A 216 -3.45 21.14 -3.30
N ALA A 217 -3.60 21.03 -1.98
CA ALA A 217 -4.71 21.66 -1.27
C ALA A 217 -4.34 23.08 -0.85
N LEU A 218 -5.31 23.98 -0.93
CA LEU A 218 -5.21 25.35 -0.45
C LEU A 218 -6.29 25.56 0.59
N PHE A 219 -5.91 26.15 1.73
CA PHE A 219 -6.84 26.36 2.84
C PHE A 219 -7.26 27.83 2.89
N THR A 220 -8.56 28.08 2.73
CA THR A 220 -9.12 29.42 2.79
C THR A 220 -10.15 29.49 3.91
N VAL A 221 -10.27 30.67 4.54
CA VAL A 221 -11.10 30.80 5.73
C VAL A 221 -12.56 31.06 5.36
N GLY A 222 -12.82 32.00 4.45
CA GLY A 222 -14.18 32.37 4.14
C GLY A 222 -14.46 32.58 2.67
N TYR A 223 -13.46 33.04 1.92
CA TYR A 223 -13.62 33.24 0.48
C TYR A 223 -13.28 31.95 -0.27
N SER A 224 -13.46 31.98 -1.58
CA SER A 224 -13.16 30.83 -2.42
C SER A 224 -11.68 30.84 -2.81
N ALA A 225 -11.19 29.64 -3.16
CA ALA A 225 -9.79 29.53 -3.57
C ALA A 225 -9.54 30.23 -4.90
N TYR A 226 -10.50 30.17 -5.82
CA TYR A 226 -10.36 30.90 -7.08
C TYR A 226 -10.23 32.40 -6.83
N SER A 227 -11.01 32.93 -5.88
CA SER A 227 -11.02 34.37 -5.62
C SER A 227 -9.64 34.85 -5.18
N THR A 228 -8.97 34.11 -4.30
CA THR A 228 -7.71 34.59 -3.75
C THR A 228 -6.57 34.42 -4.75
N ILE A 229 -6.68 33.46 -5.67
CA ILE A 229 -5.59 33.18 -6.60
C ILE A 229 -5.63 34.12 -7.78
N SER A 230 -6.80 34.25 -8.43
CA SER A 230 -6.92 35.12 -9.59
C SER A 230 -6.64 36.58 -9.24
N SER A 231 -6.97 36.99 -8.01
CA SER A 231 -6.75 38.35 -7.54
C SER A 231 -5.39 38.55 -6.89
N ALA A 232 -4.56 37.52 -6.81
CA ALA A 232 -3.21 37.67 -6.31
C ALA A 232 -2.32 38.13 -7.46
N LYS A 233 -1.62 39.26 -7.26
CA LYS A 233 -0.76 39.80 -8.31
C LYS A 233 0.62 39.15 -8.34
N GLU A 234 1.11 38.69 -7.18
CA GLU A 234 2.37 37.96 -7.18
C GLU A 234 2.27 36.70 -8.04
N VAL A 235 1.13 36.01 -7.97
CA VAL A 235 0.93 34.81 -8.79
C VAL A 235 1.02 35.16 -10.27
N GLN A 236 0.42 36.29 -10.66
CA GLN A 236 0.46 36.69 -12.06
C GLN A 236 1.83 37.20 -12.49
N GLN A 237 2.66 37.66 -11.56
CA GLN A 237 4.02 38.08 -11.91
C GLN A 237 4.96 36.90 -12.05
N ASP A 238 4.72 35.82 -11.28
CA ASP A 238 5.47 34.58 -11.45
C ASP A 238 5.01 33.83 -12.69
N LEU A 239 3.70 33.83 -12.95
CA LEU A 239 3.17 33.20 -14.15
C LEU A 239 3.73 33.83 -15.42
N ASP A 240 3.80 35.16 -15.46
CA ASP A 240 4.29 35.83 -16.67
C ASP A 240 5.80 35.67 -16.81
N LYS A 241 6.53 35.76 -15.70
CA LYS A 241 7.98 35.58 -15.75
C LYS A 241 8.34 34.19 -16.28
N LEU A 242 7.55 33.18 -15.92
CA LEU A 242 7.83 31.81 -16.35
C LEU A 242 7.66 31.67 -17.87
N THR A 243 6.57 32.19 -18.42
CA THR A 243 6.35 32.15 -19.87
C THR A 243 7.56 32.67 -20.63
N GLN A 244 8.18 33.73 -20.13
CA GLN A 244 9.35 34.30 -20.78
C GLN A 244 10.54 33.35 -20.68
N LEU A 245 10.72 32.72 -19.52
CA LEU A 245 11.89 31.87 -19.32
C LEU A 245 11.81 30.60 -20.15
N GLN A 246 10.62 30.03 -20.31
CA GLN A 246 10.45 28.77 -21.02
C GLN A 246 10.53 28.94 -22.53
N THR A 247 11.05 30.08 -22.98
CA THR A 247 11.27 30.32 -24.40
C THR A 247 12.75 30.44 -24.74
N LEU A 248 13.62 30.47 -23.75
CA LEU A 248 15.05 30.56 -23.95
C LEU A 248 15.75 29.20 -23.88
N ALA A 249 15.02 28.14 -23.54
CA ALA A 249 15.59 26.82 -23.31
C ALA A 249 14.99 25.82 -24.29
N SER A 250 15.74 24.74 -24.53
CA SER A 250 15.31 23.68 -25.44
C SER A 250 14.22 22.83 -24.80
N GLU A 251 13.67 21.93 -25.62
CA GLU A 251 12.54 21.10 -25.17
C GLU A 251 12.90 20.27 -23.95
N GLU A 252 14.02 19.53 -24.03
CA GLU A 252 14.43 18.70 -22.90
C GLU A 252 14.78 19.55 -21.69
N ALA A 253 15.50 20.65 -21.91
CA ALA A 253 15.91 21.52 -20.81
C ALA A 253 14.70 22.06 -20.05
N GLN A 254 13.61 22.35 -20.75
CA GLN A 254 12.39 22.75 -20.05
C GLN A 254 11.85 21.63 -19.19
N ALA A 255 11.75 20.42 -19.76
CA ALA A 255 11.29 19.27 -18.99
C ALA A 255 12.25 18.96 -17.85
N ALA A 256 13.55 19.12 -18.08
CA ALA A 256 14.52 18.91 -17.01
C ALA A 256 14.31 19.92 -15.88
N ALA A 257 14.11 21.18 -16.24
CA ALA A 257 13.95 22.22 -15.23
C ALA A 257 12.63 22.09 -14.49
N ILE A 258 11.56 21.71 -15.20
CA ILE A 258 10.26 21.54 -14.56
C ILE A 258 10.33 20.45 -13.49
N THR A 259 10.77 19.25 -13.88
CA THR A 259 10.74 18.10 -12.99
C THR A 259 11.60 18.31 -11.75
N LYS A 260 12.76 18.96 -11.91
CA LYS A 260 13.60 19.26 -10.75
C LYS A 260 12.83 20.08 -9.71
N ALA A 261 12.01 21.02 -10.16
CA ALA A 261 11.27 21.86 -9.22
C ALA A 261 10.10 21.12 -8.57
N ILE A 262 9.44 20.22 -9.29
CA ILE A 262 8.39 19.40 -8.68
C ILE A 262 8.97 18.51 -7.59
N ILE A 263 10.12 17.88 -7.86
CA ILE A 263 10.81 17.12 -6.82
C ILE A 263 11.21 18.02 -5.67
N GLN A 264 11.75 19.21 -6.00
CA GLN A 264 12.23 20.12 -4.97
C GLN A 264 11.10 20.56 -4.03
N THR A 265 9.86 20.64 -4.54
CA THR A 265 8.76 20.97 -3.65
C THR A 265 8.30 19.74 -2.86
N LEU A 266 8.37 18.56 -3.48
CA LEU A 266 8.09 17.32 -2.75
C LEU A 266 9.06 17.14 -1.59
N SER A 267 10.35 17.40 -1.81
CA SER A 267 11.32 17.32 -0.72
C SER A 267 10.95 18.25 0.43
N ASN A 268 10.60 19.49 0.11
CA ASN A 268 10.23 20.43 1.16
C ASN A 268 8.90 20.06 1.79
N MET A 269 7.97 19.55 1.00
CA MET A 269 6.70 19.09 1.54
C MET A 269 6.91 17.94 2.52
N SER A 270 7.82 17.01 2.20
CA SER A 270 8.05 15.86 3.07
C SER A 270 8.69 16.27 4.38
N GLU A 271 9.49 17.34 4.39
CA GLU A 271 10.12 17.77 5.63
C GLU A 271 9.12 18.26 6.67
N GLU A 272 7.85 18.41 6.31
CA GLU A 272 6.80 18.68 7.28
C GLU A 272 6.43 17.45 8.08
N PHE A 273 6.83 16.25 7.62
CA PHE A 273 6.67 15.05 8.43
C PHE A 273 7.47 15.14 9.72
N LEU A 274 8.67 15.74 9.66
CA LEU A 274 9.57 15.75 10.81
C LEU A 274 8.99 16.50 12.00
N LYS A 275 8.01 17.38 11.78
CA LYS A 275 7.38 18.07 12.90
C LYS A 275 6.48 17.15 13.70
N ILE A 276 6.06 16.02 13.12
CA ILE A 276 5.30 15.02 13.88
C ILE A 276 6.15 14.46 15.01
N ASP A 277 7.45 14.28 14.76
CA ASP A 277 8.38 13.79 15.77
C ASP A 277 8.54 14.73 16.96
N ASP A 278 7.80 15.85 16.98
CA ASP A 278 7.73 16.73 18.13
C ASP A 278 6.32 16.91 18.68
N SER A 279 5.30 16.81 17.83
CA SER A 279 3.91 17.03 18.23
C SER A 279 3.26 15.77 18.79
N LEU A 280 3.44 14.63 18.12
CA LEU A 280 2.89 13.38 18.65
C LEU A 280 3.51 12.98 19.98
N PRO A 281 4.83 13.01 20.17
CA PRO A 281 5.36 12.71 21.52
C PRO A 281 4.87 13.68 22.58
N ALA A 282 4.67 14.95 22.23
CA ALA A 282 4.07 15.87 23.19
C ALA A 282 2.63 15.50 23.49
N LEU A 283 1.92 14.91 22.51
CA LEU A 283 0.58 14.41 22.78
C LEU A 283 0.63 13.14 23.63
N SER A 284 1.61 12.27 23.39
CA SER A 284 1.79 11.11 24.25
C SER A 284 2.15 11.53 25.66
N LEU A 285 3.03 12.52 25.81
CA LEU A 285 3.35 13.05 27.12
C LEU A 285 2.12 13.60 27.83
N LEU A 286 1.12 14.07 27.05
CA LEU A 286 -0.10 14.57 27.66
C LEU A 286 -0.82 13.46 28.42
N TRP A 287 -0.97 12.30 27.80
CA TRP A 287 -1.53 11.15 28.49
C TRP A 287 -0.61 10.66 29.61
N GLN A 288 0.71 10.75 29.40
CA GLN A 288 1.66 10.14 30.34
C GLN A 288 1.57 10.80 31.71
N ASP A 289 1.85 12.10 31.79
CA ASP A 289 1.75 12.77 33.08
C ASP A 289 0.30 12.91 33.56
N GLU A 290 -0.67 12.54 32.72
CA GLU A 290 -2.04 12.37 33.17
C GLU A 290 -2.23 11.02 33.87
N LEU A 291 -1.55 9.99 33.37
CA LEU A 291 -1.52 8.71 34.05
C LEU A 291 -0.76 8.81 35.37
N ASP A 292 0.32 9.59 35.40
CA ASP A 292 1.05 9.79 36.65
C ASP A 292 0.15 10.35 37.74
N LYS A 293 -0.88 11.12 37.36
CA LYS A 293 -1.81 11.65 38.35
C LYS A 293 -2.73 10.55 38.89
N VAL A 294 -3.27 9.70 38.00
CA VAL A 294 -4.16 8.66 38.47
C VAL A 294 -3.40 7.53 39.16
N ASN A 295 -2.11 7.37 38.88
CA ASN A 295 -1.31 6.40 39.62
C ASN A 295 -1.13 6.85 41.06
N GLU A 296 -0.71 8.10 41.27
CA GLU A 296 -0.50 8.60 42.62
C GLU A 296 -1.77 8.56 43.45
N LEU A 297 -2.94 8.70 42.82
N LEU A 297 -2.93 8.71 42.81
CA LEU A 297 -4.18 8.65 43.57
CA LEU A 297 -4.20 8.65 43.53
C LEU A 297 -4.54 7.23 43.97
C LEU A 297 -4.51 7.23 43.98
N ILE A 298 -4.27 6.25 43.10
CA ILE A 298 -4.56 4.86 43.45
C ILE A 298 -3.67 4.39 44.60
N ASN A 299 -2.38 4.72 44.55
CA ASN A 299 -1.48 4.36 45.63
C ASN A 299 -1.91 4.99 46.94
N ALA A 300 -2.38 6.23 46.90
CA ALA A 300 -2.83 6.90 48.12
C ALA A 300 -4.11 6.27 48.65
N LEU A 301 -5.00 5.85 47.76
CA LEU A 301 -6.21 5.18 48.22
C LEU A 301 -5.91 3.79 48.77
N GLN A 302 -5.05 3.03 48.06
CA GLN A 302 -4.73 1.67 48.50
C GLN A 302 -3.96 1.67 49.80
N SER A 303 -3.23 2.75 50.10
CA SER A 303 -2.51 2.83 51.36
C SER A 303 -3.38 3.31 52.51
N GLY A 304 -4.63 3.69 52.24
CA GLY A 304 -5.57 4.03 53.29
C GLY A 304 -5.83 5.50 53.52
N SER A 305 -5.34 6.37 52.65
CA SER A 305 -5.62 7.80 52.81
C SER A 305 -7.11 8.07 52.78
N ASP A 306 -7.57 8.93 53.68
CA ASP A 306 -8.94 9.43 53.64
C ASP A 306 -9.22 10.02 52.27
N PRO A 307 -10.25 9.55 51.55
CA PRO A 307 -10.52 10.08 50.22
C PRO A 307 -10.89 11.55 50.22
N ALA A 308 -11.36 12.08 51.35
CA ALA A 308 -11.70 13.49 51.41
C ALA A 308 -10.47 14.37 51.25
N LEU A 309 -9.37 14.00 51.89
CA LEU A 309 -8.17 14.83 51.93
C LEU A 309 -7.34 14.78 50.64
N LEU A 310 -7.85 14.19 49.57
CA LEU A 310 -7.12 14.12 48.30
C LEU A 310 -7.69 15.18 47.38
N THR A 311 -6.96 16.29 47.22
CA THR A 311 -7.51 17.44 46.50
C THR A 311 -7.84 17.09 45.05
N ASP A 312 -7.05 16.20 44.43
CA ASP A 312 -7.36 15.76 43.07
C ASP A 312 -8.70 15.06 42.99
N LEU A 313 -9.22 14.54 44.10
CA LEU A 313 -10.51 13.86 44.10
C LEU A 313 -11.66 14.84 44.34
N GLN A 314 -11.45 15.86 45.17
CA GLN A 314 -12.48 16.86 45.42
C GLN A 314 -12.75 17.70 44.17
N THR A 315 -11.70 18.20 43.53
CA THR A 315 -11.81 19.04 42.35
C THR A 315 -12.02 18.25 41.07
N ILE A 316 -12.77 17.14 41.13
CA ILE A 316 -12.97 16.34 39.93
C ILE A 316 -14.08 16.92 39.07
N LYS A 317 -15.03 17.66 39.65
CA LYS A 317 -16.08 18.27 38.85
C LYS A 317 -15.51 19.34 37.92
N ILE A 318 -14.51 20.09 38.38
CA ILE A 318 -13.84 21.05 37.50
C ILE A 318 -12.91 20.34 36.53
N ALA A 319 -12.50 19.10 36.85
CA ALA A 319 -11.68 18.33 35.93
C ALA A 319 -12.50 17.78 34.76
N SER A 320 -13.69 17.26 35.05
CA SER A 320 -14.53 16.72 33.97
C SER A 320 -15.06 17.83 33.07
N ALA A 321 -15.29 19.01 33.63
CA ALA A 321 -15.71 20.14 32.80
C ALA A 321 -14.62 20.56 31.84
N SER A 322 -13.36 20.38 32.22
CA SER A 322 -12.25 20.66 31.31
C SER A 322 -12.11 19.58 30.24
N TRP A 323 -12.42 18.33 30.57
CA TRP A 323 -12.43 17.29 29.55
C TRP A 323 -13.56 17.50 28.56
N LYS A 324 -14.69 18.05 29.00
CA LYS A 324 -15.77 18.35 28.09
C LYS A 324 -15.36 19.41 27.08
N THR A 325 -14.56 20.39 27.51
CA THR A 325 -14.04 21.40 26.59
C THR A 325 -13.09 20.77 25.58
N ILE A 326 -12.24 19.85 26.02
CA ILE A 326 -11.29 19.21 25.11
C ILE A 326 -12.02 18.26 24.17
N SER A 327 -13.02 17.52 24.68
CA SER A 327 -13.78 16.64 23.83
C SER A 327 -14.56 17.41 22.77
N GLU A 328 -15.05 18.60 23.13
CA GLU A 328 -15.75 19.42 22.16
C GLU A 328 -14.81 20.01 21.12
N PHE A 329 -13.55 20.28 21.50
CA PHE A 329 -12.58 20.76 20.52
C PHE A 329 -12.23 19.67 19.51
N VAL A 330 -12.18 18.42 19.95
CA VAL A 330 -11.83 17.33 19.05
C VAL A 330 -12.99 17.03 18.10
N GLN A 331 -14.23 17.22 18.55
CA GLN A 331 -15.39 16.99 17.68
C GLN A 331 -15.45 17.98 16.53
N LEU A 332 -14.75 19.11 16.63
CA LEU A 332 -14.76 20.10 15.56
C LEU A 332 -13.75 19.76 14.47
N ILE A 333 -12.54 19.37 14.86
CA ILE A 333 -11.52 18.99 13.87
C ILE A 333 -11.83 17.63 13.24
N SER A 334 -12.68 16.81 13.86
CA SER A 334 -13.08 15.53 13.29
C SER A 334 -14.04 15.69 12.12
N LEU A 335 -14.79 16.78 12.06
CA LEU A 335 -15.74 16.98 10.98
C LEU A 335 -15.00 17.03 9.64
N PRO A 336 -15.55 16.43 8.59
CA PRO A 336 -14.88 16.47 7.28
C PRO A 336 -14.79 17.90 6.77
N PRO A 337 -13.64 18.30 6.20
CA PRO A 337 -13.49 19.68 5.76
C PRO A 337 -14.41 20.00 4.59
N ASN A 338 -14.80 21.27 4.51
CA ASN A 338 -15.62 21.72 3.40
C ASN A 338 -14.79 21.70 2.11
N VAL A 339 -15.35 21.09 1.08
CA VAL A 339 -14.64 20.92 -0.19
C VAL A 339 -15.04 22.09 -1.10
N GLY A 340 -14.09 22.99 -1.34
CA GLY A 340 -14.29 24.07 -2.28
C GLY A 340 -14.14 23.63 -3.72
N LYS A 341 -14.42 24.54 -4.62
CA LYS A 341 -14.30 24.23 -6.03
C LYS A 341 -12.83 24.23 -6.44
N PRO A 342 -12.35 23.21 -7.14
CA PRO A 342 -10.95 23.18 -7.55
C PRO A 342 -10.67 24.22 -8.61
N VAL A 343 -9.41 24.64 -8.68
CA VAL A 343 -8.97 25.65 -9.64
C VAL A 343 -7.71 25.14 -10.33
N LEU A 344 -7.68 25.24 -11.66
CA LEU A 344 -6.54 24.81 -12.46
C LEU A 344 -5.73 26.04 -12.88
N VAL A 345 -4.47 26.10 -12.45
CA VAL A 345 -3.53 27.15 -12.85
C VAL A 345 -2.75 26.62 -14.05
N ASN A 346 -3.22 26.95 -15.25
CA ASN A 346 -2.61 26.46 -16.50
C ASN A 346 -1.51 27.43 -16.93
N THR A 347 -0.25 27.01 -16.79
CA THR A 347 0.87 27.91 -17.04
C THR A 347 1.27 28.00 -18.51
N LEU A 348 0.89 27.04 -19.35
CA LEU A 348 1.15 27.19 -20.77
C LEU A 348 0.10 28.06 -21.46
N ASN A 349 -0.88 28.57 -20.72
CA ASN A 349 -1.86 29.50 -21.24
C ASN A 349 -2.02 30.76 -20.41
N ASN A 350 -1.33 30.86 -19.27
CA ASN A 350 -1.50 31.93 -18.28
C ASN A 350 -2.95 32.06 -17.82
N THR A 351 -3.73 30.99 -17.94
CA THR A 351 -5.15 30.99 -17.58
C THR A 351 -5.35 30.38 -16.20
N ILE A 352 -6.40 30.84 -15.51
CA ILE A 352 -6.75 30.36 -14.17
C ILE A 352 -8.25 30.11 -14.19
N GLN A 353 -8.65 28.85 -14.33
CA GLN A 353 -10.07 28.48 -14.36
C GLN A 353 -10.49 27.96 -12.99
N GLU A 354 -11.77 27.60 -12.90
CA GLU A 354 -12.32 26.95 -11.72
C GLU A 354 -13.21 25.81 -12.19
N GLN A 355 -12.87 24.60 -11.77
CA GLN A 355 -13.66 23.43 -12.15
C GLN A 355 -14.64 23.05 -11.04
N LEU B 5 -27.29 -24.19 -20.41
CA LEU B 5 -27.00 -22.90 -19.79
C LEU B 5 -25.93 -23.05 -18.72
N SER B 6 -24.84 -23.74 -19.06
CA SER B 6 -23.75 -23.98 -18.12
C SER B 6 -22.51 -24.35 -18.93
N PRO B 7 -21.32 -24.07 -18.43
CA PRO B 7 -20.10 -24.42 -19.15
C PRO B 7 -19.81 -25.91 -18.98
N ASN B 8 -18.83 -26.39 -19.75
CA ASN B 8 -18.39 -27.77 -19.61
C ASN B 8 -17.70 -27.93 -18.27
N VAL B 9 -18.31 -28.72 -17.38
CA VAL B 9 -17.86 -28.79 -15.99
C VAL B 9 -16.40 -29.17 -15.88
N ASP B 10 -15.90 -29.97 -16.84
CA ASP B 10 -14.50 -30.35 -16.81
C ASP B 10 -13.60 -29.17 -17.14
N THR B 11 -13.73 -28.62 -18.35
CA THR B 11 -12.88 -27.50 -18.74
C THR B 11 -13.14 -26.26 -17.89
N ALA B 12 -14.33 -26.14 -17.29
CA ALA B 12 -14.58 -25.03 -16.37
C ALA B 12 -13.76 -25.18 -15.10
N LEU B 13 -13.62 -26.41 -14.59
CA LEU B 13 -12.87 -26.64 -13.37
C LEU B 13 -11.36 -26.51 -13.56
N ASN B 14 -10.87 -26.50 -14.80
CA ASN B 14 -9.47 -26.18 -15.05
C ASN B 14 -9.23 -24.69 -15.11
N LEU B 16 -10.78 -22.57 -13.26
CA LEU B 16 -10.75 -22.17 -11.86
C LEU B 16 -9.47 -22.63 -11.17
N THR B 17 -8.95 -23.80 -11.53
CA THR B 17 -7.70 -24.25 -10.95
C THR B 17 -6.53 -23.38 -11.42
N ASP B 18 -6.52 -23.03 -12.71
CA ASP B 18 -5.42 -22.22 -13.23
C ASP B 18 -5.43 -20.81 -12.62
N VAL B 19 -6.62 -20.23 -12.44
CA VAL B 19 -6.67 -18.92 -11.81
C VAL B 19 -6.41 -19.01 -10.31
N TYR B 20 -6.55 -20.20 -9.73
CA TYR B 20 -6.19 -20.43 -8.34
C TYR B 20 -4.71 -20.76 -8.18
N THR B 21 -4.17 -21.62 -9.06
CA THR B 21 -2.74 -21.89 -9.06
C THR B 21 -1.95 -20.61 -9.26
N ASP B 22 -2.35 -19.79 -10.24
CA ASP B 22 -1.70 -18.50 -10.43
C ASP B 22 -1.97 -17.56 -9.27
N PHE B 23 -3.11 -17.74 -8.58
CA PHE B 23 -3.40 -16.93 -7.40
C PHE B 23 -2.57 -17.34 -6.19
N LEU B 24 -1.97 -18.53 -6.22
CA LEU B 24 -1.10 -18.96 -5.14
C LEU B 24 0.31 -18.41 -5.32
N GLY B 25 0.94 -18.73 -6.44
CA GLY B 25 2.29 -18.28 -6.73
C GLY B 25 2.51 -16.79 -6.58
N ILE B 26 1.42 -16.03 -6.67
CA ILE B 26 1.50 -14.59 -6.45
C ILE B 26 1.40 -14.27 -4.97
N SER B 27 0.53 -14.98 -4.25
CA SER B 27 0.21 -14.66 -2.86
C SER B 27 1.36 -14.97 -1.90
N ASN B 28 2.41 -15.63 -2.37
CA ASN B 28 3.60 -15.86 -1.56
C ASN B 28 4.81 -15.08 -2.06
N TYR B 29 4.70 -14.44 -3.22
CA TYR B 29 5.61 -13.34 -3.54
C TYR B 29 5.46 -12.22 -2.53
N ASP B 30 4.24 -12.00 -2.03
CA ASP B 30 4.03 -11.17 -0.84
C ASP B 30 4.94 -11.59 0.29
N ALA B 31 4.74 -12.82 0.78
CA ALA B 31 5.43 -13.28 1.99
C ALA B 31 6.93 -13.32 1.77
N THR B 32 7.38 -13.77 0.60
CA THR B 32 8.80 -13.68 0.26
C THR B 32 9.31 -12.25 0.40
N CYS B 33 8.55 -11.29 -0.13
CA CYS B 33 8.97 -9.89 -0.04
C CYS B 33 8.97 -9.40 1.40
N ASN B 34 7.92 -9.75 2.16
CA ASN B 34 7.88 -9.33 3.56
C ASN B 34 8.98 -10.00 4.37
N SER B 35 9.26 -11.27 4.09
CA SER B 35 10.26 -12.00 4.87
C SER B 35 11.67 -11.55 4.55
N LEU B 36 11.94 -11.10 3.32
CA LEU B 36 13.29 -10.77 2.88
C LEU B 36 14.01 -9.83 3.83
N PHE B 37 15.04 -10.35 4.51
CA PHE B 37 15.87 -9.61 5.44
C PHE B 37 17.28 -9.48 4.84
N ILE B 38 17.91 -8.33 5.06
CA ILE B 38 19.26 -8.07 4.58
C ILE B 38 20.03 -7.34 5.67
N GLY B 39 20.99 -8.04 6.28
CA GLY B 39 21.81 -7.47 7.33
C GLY B 39 23.01 -6.72 6.79
N HIS B 40 24.01 -6.56 7.64
CA HIS B 40 25.22 -5.82 7.32
C HIS B 40 26.42 -6.75 7.18
N VAL B 41 27.31 -6.39 6.27
CA VAL B 41 28.59 -7.06 6.14
C VAL B 41 29.65 -6.20 6.82
N ALA B 42 30.87 -6.72 6.92
CA ALA B 42 31.94 -6.02 7.63
C ALA B 42 32.26 -4.68 6.98
N LYS B 43 32.63 -4.71 5.69
CA LYS B 43 32.99 -3.48 4.99
C LYS B 43 31.82 -2.52 4.90
N ASP B 44 30.60 -3.05 4.74
CA ASP B 44 29.39 -2.27 4.56
C ASP B 44 29.55 -1.27 3.39
N PRO B 45 29.76 -1.75 2.18
CA PRO B 45 30.01 -0.83 1.06
C PRO B 45 28.72 -0.11 0.66
N ASN B 46 28.88 0.88 -0.22
CA ASN B 46 27.74 1.70 -0.60
C ASN B 46 26.66 0.88 -1.28
N TRP B 47 27.04 -0.01 -2.20
CA TRP B 47 26.05 -0.78 -2.95
C TRP B 47 25.16 -1.59 -2.01
N LEU B 48 25.71 -2.04 -0.87
CA LEU B 48 24.92 -2.84 0.06
C LEU B 48 23.92 -1.98 0.82
N VAL B 49 24.26 -0.73 1.09
CA VAL B 49 23.29 0.18 1.70
C VAL B 49 22.23 0.56 0.67
N GLU B 50 22.61 0.68 -0.60
CA GLU B 50 21.62 0.90 -1.65
C GLU B 50 20.67 -0.29 -1.77
N VAL B 51 21.21 -1.51 -1.72
CA VAL B 51 20.38 -2.70 -1.82
C VAL B 51 19.42 -2.78 -0.65
N ARG B 52 19.96 -2.66 0.57
CA ARG B 52 19.12 -2.74 1.77
C ARG B 52 18.02 -1.68 1.73
N SER B 53 18.35 -0.49 1.22
CA SER B 53 17.37 0.58 1.12
C SER B 53 16.34 0.30 0.03
N ARG B 54 16.81 -0.08 -1.16
CA ARG B 54 15.88 -0.42 -2.25
C ARG B 54 15.02 -1.63 -1.93
N THR B 55 15.42 -2.46 -0.96
CA THR B 55 14.58 -3.56 -0.53
C THR B 55 13.37 -3.05 0.24
N GLU B 56 13.55 -1.96 1.01
CA GLU B 56 12.42 -1.39 1.75
C GLU B 56 11.33 -0.88 0.82
N ILE B 57 11.69 -0.43 -0.38
CA ILE B 57 10.68 0.07 -1.30
C ILE B 57 10.01 -1.07 -2.07
N LEU B 58 10.73 -2.17 -2.31
CA LEU B 58 10.11 -3.34 -2.95
C LEU B 58 9.01 -3.91 -2.08
N ARG B 59 9.28 -4.08 -0.78
CA ARG B 59 8.22 -4.50 0.12
C ARG B 59 7.10 -3.47 0.17
N ALA B 60 7.44 -2.18 0.04
CA ALA B 60 6.42 -1.14 0.06
C ALA B 60 5.67 -1.04 -1.26
N VAL B 61 6.36 -1.25 -2.39
CA VAL B 61 5.70 -1.18 -3.69
C VAL B 61 4.60 -2.22 -3.78
N MET B 62 4.81 -3.40 -3.20
CA MET B 62 3.83 -4.48 -3.30
C MET B 62 2.69 -4.34 -2.31
N ASN B 63 2.72 -3.35 -1.41
CA ASN B 63 1.66 -3.16 -0.43
C ASN B 63 0.32 -2.84 -1.06
N GLU B 64 0.28 -2.49 -2.36
CA GLU B 64 -1.00 -2.24 -3.00
C GLU B 64 -1.79 -3.53 -3.18
N PHE B 65 -1.23 -4.49 -3.93
CA PHE B 65 -1.92 -5.76 -4.14
C PHE B 65 -1.90 -6.62 -2.88
N MET B 66 -0.89 -6.44 -2.02
CA MET B 66 -0.82 -7.19 -0.77
C MET B 66 -2.12 -7.06 0.02
N GLN B 67 -2.66 -5.85 0.08
CA GLN B 67 -3.93 -5.57 0.73
C GLN B 67 -5.12 -5.75 -0.21
N GLN B 68 -4.86 -6.17 -1.45
CA GLN B 68 -5.91 -6.40 -2.45
C GLN B 68 -6.18 -7.87 -2.72
N LYS B 69 -5.21 -8.75 -2.46
CA LYS B 69 -5.38 -10.17 -2.81
C LYS B 69 -6.58 -10.81 -2.13
N PRO B 70 -6.77 -10.73 -0.80
CA PRO B 70 -7.97 -11.34 -0.22
C PRO B 70 -9.27 -10.75 -0.73
N LYS B 71 -9.29 -9.45 -1.04
CA LYS B 71 -10.50 -8.85 -1.59
C LYS B 71 -10.86 -9.45 -2.94
N ILE B 72 -9.88 -9.57 -3.84
CA ILE B 72 -10.13 -10.10 -5.18
C ILE B 72 -10.41 -11.60 -5.11
N PHE B 73 -9.77 -12.30 -4.18
CA PHE B 73 -9.93 -13.75 -4.08
C PHE B 73 -11.38 -14.13 -3.80
N ALA B 74 -11.94 -13.60 -2.71
CA ALA B 74 -13.37 -13.82 -2.44
C ALA B 74 -14.23 -13.25 -3.55
N GLN B 75 -13.76 -12.19 -4.22
CA GLN B 75 -14.55 -11.59 -5.29
C GLN B 75 -14.78 -12.57 -6.44
N ILE B 76 -13.90 -13.55 -6.62
CA ILE B 76 -14.06 -14.56 -7.65
C ILE B 76 -14.64 -15.83 -7.03
N ILE B 77 -14.29 -16.10 -5.77
CA ILE B 77 -14.91 -17.19 -5.04
C ILE B 77 -16.41 -16.98 -4.96
N THR B 78 -16.83 -15.90 -4.29
CA THR B 78 -18.25 -15.61 -4.15
C THR B 78 -18.91 -15.32 -5.50
N SER B 79 -18.12 -15.11 -6.56
CA SER B 79 -18.69 -14.90 -7.89
C SER B 79 -19.42 -16.13 -8.38
N PHE B 80 -18.78 -17.30 -8.29
CA PHE B 80 -19.38 -18.55 -8.73
C PHE B 80 -20.35 -19.14 -7.70
N ILE B 81 -20.16 -18.82 -6.42
CA ILE B 81 -21.08 -19.34 -5.40
C ILE B 81 -22.41 -18.61 -5.47
N ASN B 82 -22.38 -17.28 -5.60
CA ASN B 82 -23.63 -16.52 -5.70
C ASN B 82 -24.35 -16.78 -7.01
N TYR B 83 -23.61 -16.90 -8.11
CA TYR B 83 -24.27 -17.11 -9.40
C TYR B 83 -25.04 -18.42 -9.43
N GLN B 84 -24.54 -19.45 -8.73
CA GLN B 84 -25.25 -20.73 -8.71
C GLN B 84 -26.55 -20.61 -7.92
N THR B 85 -26.53 -19.87 -6.81
CA THR B 85 -27.74 -19.77 -5.98
C THR B 85 -28.85 -19.00 -6.70
N THR B 86 -28.51 -17.89 -7.36
CA THR B 86 -29.51 -17.16 -8.12
C THR B 86 -29.97 -17.95 -9.34
N PHE B 87 -29.09 -18.78 -9.90
CA PHE B 87 -29.47 -19.61 -11.04
C PHE B 87 -30.52 -20.65 -10.63
N ASP B 88 -30.39 -21.23 -9.44
CA ASP B 88 -31.38 -22.19 -8.95
C ASP B 88 -32.73 -21.54 -8.66
N ALA B 89 -32.77 -20.22 -8.50
CA ALA B 89 -34.04 -19.55 -8.25
C ALA B 89 -34.99 -19.73 -9.43
N CYS B 90 -34.45 -19.75 -10.65
CA CYS B 90 -35.23 -19.94 -11.86
C CYS B 90 -34.90 -21.22 -12.61
N ALA B 91 -34.18 -22.15 -11.99
CA ALA B 91 -33.90 -23.43 -12.61
C ALA B 91 -34.88 -24.52 -12.19
N GLN B 92 -35.78 -24.21 -11.26
CA GLN B 92 -36.66 -25.20 -10.65
C GLN B 92 -38.12 -24.77 -10.85
N ASN B 93 -38.57 -24.79 -12.11
CA ASN B 93 -39.96 -24.56 -12.46
C ASN B 93 -40.11 -24.92 -13.93
N SER B 94 -41.36 -24.84 -14.41
CA SER B 94 -41.67 -25.05 -15.82
C SER B 94 -43.03 -24.44 -16.19
N THR B 98 -45.09 -21.73 -15.47
CA THR B 98 -44.52 -20.41 -15.63
C THR B 98 -45.09 -19.70 -16.86
N SER B 99 -44.63 -18.47 -17.09
CA SER B 99 -45.07 -17.66 -18.21
C SER B 99 -43.85 -17.11 -18.95
N THR B 100 -44.08 -16.60 -20.17
CA THR B 100 -43.01 -15.99 -20.94
C THR B 100 -42.43 -14.79 -20.20
N LYS B 101 -43.31 -13.93 -19.67
CA LYS B 101 -42.85 -12.78 -18.89
C LYS B 101 -42.09 -13.22 -17.65
N GLN B 102 -42.51 -14.33 -17.03
CA GLN B 102 -41.80 -14.85 -15.87
C GLN B 102 -40.37 -15.24 -16.23
N TRP B 103 -40.18 -15.89 -17.40
CA TRP B 103 -38.85 -16.35 -17.78
C TRP B 103 -37.91 -15.19 -18.08
N ILE B 104 -38.42 -14.10 -18.66
CA ILE B 104 -37.57 -12.96 -18.96
C ILE B 104 -37.17 -12.23 -17.68
N GLU B 105 -38.12 -12.05 -16.76
CA GLU B 105 -37.80 -11.40 -15.49
C GLU B 105 -36.75 -12.19 -14.72
N CYS B 106 -36.71 -13.50 -14.92
CA CYS B 106 -35.67 -14.33 -14.30
C CYS B 106 -34.37 -14.25 -15.07
N LEU B 107 -34.44 -14.39 -16.40
CA LEU B 107 -33.23 -14.41 -17.21
C LEU B 107 -32.52 -13.07 -17.19
N GLN B 108 -33.26 -11.96 -17.10
CA GLN B 108 -32.61 -10.65 -17.01
C GLN B 108 -31.88 -10.49 -15.68
N LEU B 109 -32.37 -11.14 -14.62
CA LEU B 109 -31.62 -11.16 -13.37
C LEU B 109 -30.31 -11.91 -13.53
N LEU B 110 -30.32 -12.99 -14.34
CA LEU B 110 -29.07 -13.66 -14.66
C LEU B 110 -28.18 -12.78 -15.53
N GLN B 111 -28.78 -12.08 -16.50
CA GLN B 111 -28.02 -11.19 -17.36
C GLN B 111 -27.40 -10.04 -16.57
N LYS B 112 -28.12 -9.51 -15.59
CA LYS B 112 -27.59 -8.45 -14.75
C LYS B 112 -26.35 -8.93 -14.00
N THR B 113 -26.41 -10.13 -13.42
CA THR B 113 -25.28 -10.62 -12.64
C THR B 113 -24.20 -11.23 -13.52
N LEU B 114 -24.57 -11.80 -14.67
CA LEU B 114 -23.56 -12.27 -15.62
C LEU B 114 -22.70 -11.12 -16.10
N LYS B 115 -23.34 -10.08 -16.66
CA LYS B 115 -22.62 -8.90 -17.11
C LYS B 115 -21.84 -8.24 -15.98
N GLN B 116 -22.28 -8.42 -14.73
CA GLN B 116 -21.56 -7.87 -13.60
C GLN B 116 -20.35 -8.70 -13.24
N ASN B 117 -20.48 -10.03 -13.28
CA ASN B 117 -19.33 -10.90 -12.96
C ASN B 117 -18.20 -10.72 -13.95
N ILE B 118 -18.52 -10.44 -15.22
CA ILE B 118 -17.47 -10.34 -16.22
C ILE B 118 -16.71 -9.01 -16.11
N THR B 119 -17.37 -7.94 -15.66
CA THR B 119 -16.65 -6.68 -15.49
C THR B 119 -15.71 -6.76 -14.29
N LEU B 120 -16.19 -7.27 -13.16
CA LEU B 120 -15.37 -7.31 -11.95
C LEU B 120 -14.22 -8.31 -12.05
N THR B 121 -14.30 -9.27 -12.96
CA THR B 121 -13.12 -10.09 -13.25
C THR B 121 -12.21 -9.46 -14.28
N ASN B 122 -12.73 -8.55 -15.11
CA ASN B 122 -11.87 -7.73 -15.96
C ASN B 122 -11.16 -6.64 -15.18
N GLU B 123 -11.70 -6.25 -14.02
CA GLU B 123 -11.01 -5.30 -13.17
C GLU B 123 -9.78 -5.94 -12.51
N ALA B 124 -9.91 -7.20 -12.10
CA ALA B 124 -8.77 -7.91 -11.54
C ALA B 124 -7.66 -8.13 -12.55
N GLN B 125 -7.98 -8.11 -13.84
CA GLN B 125 -6.95 -8.21 -14.87
C GLN B 125 -6.00 -7.02 -14.83
N GLN B 126 -6.50 -5.85 -14.43
CA GLN B 126 -5.68 -4.65 -14.41
C GLN B 126 -4.96 -4.46 -13.08
N VAL B 127 -5.51 -4.99 -11.98
CA VAL B 127 -4.84 -4.84 -10.70
C VAL B 127 -3.63 -5.77 -10.59
N PHE B 128 -3.59 -6.85 -11.38
CA PHE B 128 -2.43 -7.73 -11.37
C PHE B 128 -1.37 -7.30 -12.38
N THR B 129 -1.78 -6.91 -13.59
CA THR B 129 -0.83 -6.34 -14.54
C THR B 129 -0.25 -5.02 -14.02
N LYS B 130 -0.89 -4.39 -13.04
CA LYS B 130 -0.29 -3.26 -12.35
C LYS B 130 0.75 -3.73 -11.35
N SER B 131 0.46 -4.81 -10.63
CA SER B 131 1.41 -5.34 -9.66
C SER B 131 2.61 -5.99 -10.34
N TYR B 132 2.44 -6.51 -11.55
CA TYR B 132 3.57 -7.07 -12.27
C TYR B 132 4.57 -6.00 -12.66
N ASN B 133 4.09 -4.93 -13.32
CA ASN B 133 4.98 -3.85 -13.72
C ASN B 133 5.62 -3.18 -12.51
N GLN B 134 4.87 -3.06 -11.42
CA GLN B 134 5.44 -2.49 -10.20
C GLN B 134 6.52 -3.39 -9.61
N ALA B 135 6.27 -4.71 -9.57
CA ALA B 135 7.27 -5.63 -9.06
C ALA B 135 8.50 -5.66 -9.96
N LYS B 136 8.31 -5.64 -11.28
CA LYS B 136 9.44 -5.60 -12.19
C LYS B 136 10.24 -4.31 -12.03
N ASN B 137 9.57 -3.19 -11.73
CA ASN B 137 10.28 -1.93 -11.53
C ASN B 137 11.18 -2.00 -10.31
N ALA B 138 10.66 -2.47 -9.18
CA ALA B 138 11.47 -2.49 -7.96
C ALA B 138 12.63 -3.47 -8.09
N GLU B 139 12.42 -4.58 -8.81
CA GLU B 139 13.49 -5.55 -9.01
C GLU B 139 14.63 -4.96 -9.82
N GLU B 140 14.31 -4.19 -10.87
CA GLU B 140 15.37 -3.62 -11.71
C GLU B 140 16.24 -2.67 -10.90
N LEU B 141 15.68 -2.01 -9.88
CA LEU B 141 16.49 -1.16 -9.02
C LEU B 141 17.45 -2.00 -8.18
N LEU B 142 16.94 -3.07 -7.57
CA LEU B 142 17.80 -4.00 -6.84
C LEU B 142 18.84 -4.62 -7.76
N ALA B 143 18.43 -5.04 -8.95
CA ALA B 143 19.35 -5.62 -9.93
C ALA B 143 20.46 -4.67 -10.34
N SER B 144 20.26 -3.37 -10.22
CA SER B 144 21.29 -2.41 -10.59
C SER B 144 22.25 -2.12 -9.45
N SER B 145 21.74 -1.98 -8.23
CA SER B 145 22.62 -1.75 -7.08
C SER B 145 23.52 -2.96 -6.86
N ILE B 146 23.00 -4.17 -7.07
CA ILE B 146 23.81 -5.38 -6.97
C ILE B 146 24.89 -5.39 -8.05
N GLN B 147 24.49 -5.19 -9.31
CA GLN B 147 25.43 -5.15 -10.42
C GLN B 147 26.53 -4.12 -10.20
N ASP B 148 26.26 -3.09 -9.40
CA ASP B 148 27.29 -2.11 -9.08
C ASP B 148 28.34 -2.71 -8.15
N GLY B 149 27.91 -3.47 -7.14
CA GLY B 149 28.84 -4.22 -6.32
C GLY B 149 29.57 -5.31 -7.06
N TRP B 150 28.96 -5.84 -8.12
CA TRP B 150 29.61 -6.87 -8.92
C TRP B 150 30.83 -6.32 -9.65
N ASN B 151 30.71 -5.11 -10.21
CA ASN B 151 31.77 -4.59 -11.06
C ASN B 151 32.99 -4.18 -10.26
N GLU B 152 32.82 -3.78 -9.00
CA GLU B 152 33.95 -3.46 -8.14
C GLU B 152 34.52 -4.69 -7.43
N LEU B 153 33.92 -5.85 -7.66
CA LEU B 153 34.42 -7.13 -7.17
C LEU B 153 34.63 -8.10 -8.32
N ALA B 154 35.06 -7.59 -9.46
CA ALA B 154 35.14 -8.37 -10.69
C ALA B 154 36.29 -9.36 -10.71
N SER B 155 37.31 -9.19 -9.86
CA SER B 155 38.39 -10.16 -9.83
C SER B 155 37.94 -11.51 -9.26
N GLU B 156 36.82 -11.53 -8.54
CA GLU B 156 36.26 -12.75 -7.98
C GLU B 156 34.96 -13.14 -8.68
N GLU B 157 34.89 -12.93 -9.99
CA GLU B 157 33.65 -13.19 -10.73
C GLU B 157 33.34 -14.67 -10.76
N GLN B 158 34.28 -15.49 -11.28
CA GLN B 158 34.03 -16.92 -11.38
C GLN B 158 33.68 -17.51 -10.02
N ALA B 159 34.38 -17.08 -8.97
CA ALA B 159 34.03 -17.51 -7.62
C ALA B 159 32.63 -17.07 -7.22
N MET B 160 32.19 -15.89 -7.69
CA MET B 160 30.86 -15.42 -7.32
C MET B 160 29.77 -16.09 -8.12
N VAL B 161 30.00 -16.35 -9.40
CA VAL B 161 28.99 -17.03 -10.22
C VAL B 161 28.68 -18.40 -9.64
N ARG B 162 29.71 -19.09 -9.11
CA ARG B 162 29.50 -20.40 -8.53
C ARG B 162 28.64 -20.31 -7.27
N ILE B 163 28.89 -19.30 -6.43
CA ILE B 163 28.10 -19.15 -5.22
C ILE B 163 26.65 -18.81 -5.55
N ALA B 164 26.44 -17.91 -6.52
CA ALA B 164 25.07 -17.55 -6.88
C ALA B 164 24.33 -18.70 -7.54
N THR B 165 25.05 -19.53 -8.31
CA THR B 165 24.40 -20.64 -9.02
C THR B 165 23.98 -21.74 -8.05
N GLU B 166 24.78 -21.98 -7.00
CA GLU B 166 24.43 -23.00 -6.03
C GLU B 166 23.21 -22.59 -5.21
N ILE B 167 23.17 -21.33 -4.76
CA ILE B 167 21.98 -20.82 -4.09
C ILE B 167 20.77 -20.96 -5.01
N GLY B 168 20.97 -20.71 -6.31
CA GLY B 168 19.90 -20.96 -7.27
C GLY B 168 19.55 -22.44 -7.37
N SER B 169 20.56 -23.30 -7.32
CA SER B 169 20.30 -24.73 -7.35
C SER B 169 19.67 -25.20 -6.03
N LEU B 170 20.17 -24.73 -4.89
CA LEU B 170 19.60 -25.09 -3.60
C LEU B 170 18.12 -24.74 -3.52
N SER B 171 17.74 -23.56 -4.00
CA SER B 171 16.34 -23.17 -3.94
C SER B 171 15.48 -23.96 -4.92
N GLN B 172 16.07 -24.39 -6.04
CA GLN B 172 15.30 -25.18 -6.99
C GLN B 172 15.02 -26.59 -6.47
N SER B 173 15.95 -27.15 -5.70
CA SER B 173 15.76 -28.49 -5.16
C SER B 173 14.60 -28.52 -4.16
N ILE B 174 14.59 -27.58 -3.21
CA ILE B 174 13.50 -27.49 -2.25
C ILE B 174 12.17 -27.24 -2.95
N ALA B 175 12.21 -26.60 -4.13
CA ALA B 175 10.97 -26.26 -4.82
C ALA B 175 10.38 -27.46 -5.55
N SER B 176 11.22 -28.27 -6.21
CA SER B 176 10.73 -29.46 -6.88
C SER B 176 10.18 -30.51 -5.92
N LEU B 177 10.42 -30.37 -4.61
CA LEU B 177 9.80 -31.25 -3.63
C LEU B 177 8.33 -30.97 -3.43
N GLY B 178 7.82 -29.86 -3.96
CA GLY B 178 6.47 -29.42 -3.67
C GLY B 178 5.42 -30.07 -4.55
N ALA B 179 4.22 -30.22 -3.97
CA ALA B 179 3.12 -30.86 -4.68
C ALA B 179 2.58 -29.95 -5.78
N ASN B 180 2.27 -30.56 -6.92
CA ASN B 180 1.61 -29.83 -8.02
C ASN B 180 0.13 -29.71 -7.72
N VAL B 181 -0.36 -28.47 -7.65
CA VAL B 181 -1.77 -28.22 -7.37
C VAL B 181 -2.58 -28.52 -8.62
N THR B 182 -3.02 -29.77 -8.77
CA THR B 182 -3.77 -30.21 -9.92
C THR B 182 -5.26 -29.96 -9.74
N ALA B 183 -5.97 -29.83 -10.86
CA ALA B 183 -7.41 -29.76 -10.84
C ALA B 183 -8.06 -31.08 -10.42
N ALA B 184 -7.32 -32.18 -10.54
CA ALA B 184 -7.87 -33.49 -10.23
C ALA B 184 -7.99 -33.73 -8.73
N GLN B 185 -6.96 -33.39 -7.96
CA GLN B 185 -6.98 -33.71 -6.53
C GLN B 185 -7.79 -32.70 -5.73
N LEU B 186 -7.77 -31.43 -6.14
CA LEU B 186 -8.69 -30.47 -5.53
C LEU B 186 -10.13 -30.90 -5.75
N ARG B 187 -10.45 -31.31 -6.98
CA ARG B 187 -11.74 -31.90 -7.28
C ARG B 187 -11.99 -33.14 -6.42
N ALA B 188 -10.92 -33.82 -6.01
CA ALA B 188 -11.05 -35.09 -5.31
C ALA B 188 -11.33 -34.90 -3.83
N GLY B 189 -10.82 -33.81 -3.25
CA GLY B 189 -10.90 -33.57 -1.82
C GLY B 189 -9.57 -33.63 -1.10
N LYS B 190 -8.51 -34.14 -1.73
CA LYS B 190 -7.20 -34.20 -1.09
C LYS B 190 -6.73 -32.79 -0.75
N ALA B 191 -6.49 -32.53 0.54
CA ALA B 191 -6.15 -31.21 1.02
C ALA B 191 -4.64 -30.96 1.01
N TYR B 192 -4.26 -29.73 0.69
CA TYR B 192 -2.86 -29.32 0.61
C TYR B 192 -2.41 -28.74 1.94
N ILE B 193 -1.09 -28.73 2.14
CA ILE B 193 -0.48 -28.22 3.36
C ILE B 193 0.54 -27.15 2.97
N GLN B 194 0.45 -26.00 3.61
CA GLN B 194 1.29 -24.85 3.31
C GLN B 194 2.21 -24.60 4.49
N SER B 195 3.52 -24.70 4.26
CA SER B 195 4.51 -24.51 5.31
C SER B 195 5.55 -23.51 4.81
N MET B 196 5.96 -22.60 5.70
CA MET B 196 6.91 -21.55 5.33
C MET B 196 8.34 -22.05 5.51
N VAL B 197 9.10 -22.05 4.43
CA VAL B 197 10.49 -22.49 4.44
C VAL B 197 11.38 -21.25 4.42
N THR B 198 11.98 -20.95 5.57
CA THR B 198 12.99 -19.91 5.68
C THR B 198 14.36 -20.49 5.34
N ILE B 199 15.06 -19.85 4.42
CA ILE B 199 16.42 -20.23 4.06
C ILE B 199 17.34 -19.11 4.52
N SER B 200 18.02 -19.33 5.64
CA SER B 200 18.98 -18.36 6.13
C SER B 200 20.31 -18.52 5.41
N TYR B 201 20.96 -17.40 5.11
CA TYR B 201 22.30 -17.39 4.55
C TYR B 201 23.22 -16.59 5.46
N GLY B 202 24.52 -16.77 5.29
CA GLY B 202 25.50 -16.06 6.08
C GLY B 202 26.74 -15.80 5.26
N VAL B 203 27.69 -15.10 5.88
CA VAL B 203 28.93 -14.72 5.22
C VAL B 203 30.09 -15.22 6.08
N VAL B 204 30.89 -16.14 5.54
CA VAL B 204 31.95 -16.77 6.32
C VAL B 204 33.03 -15.75 6.64
N MET B 205 33.63 -15.91 7.81
CA MET B 205 34.67 -15.01 8.33
C MET B 205 35.80 -14.74 7.33
N THR B 207 29.08 -20.59 11.57
CA THR B 207 30.39 -20.20 12.08
C THR B 207 30.67 -18.70 11.88
N SER B 208 29.62 -17.92 11.62
CA SER B 208 29.79 -16.52 11.28
C SER B 208 28.51 -15.76 11.60
N VAL B 209 28.48 -14.50 11.21
CA VAL B 209 27.33 -13.62 11.49
C VAL B 209 26.28 -13.83 10.41
N PRO B 210 25.00 -13.95 10.77
CA PRO B 210 23.95 -14.10 9.74
C PRO B 210 23.87 -12.85 8.87
N PHE B 211 23.31 -13.03 7.68
CA PHE B 211 23.30 -11.95 6.69
C PHE B 211 21.92 -11.81 6.07
N LEU B 212 21.59 -12.68 5.12
CA LEU B 212 20.33 -12.63 4.40
C LEU B 212 19.45 -13.80 4.81
N SER B 213 18.14 -13.61 4.70
CA SER B 213 17.19 -14.69 5.02
C SER B 213 15.84 -14.33 4.41
N PHE B 214 15.36 -15.14 3.47
CA PHE B 214 14.04 -14.97 2.90
C PHE B 214 13.29 -16.30 2.97
N ALA B 215 11.97 -16.21 3.00
CA ALA B 215 11.09 -17.35 3.22
C ALA B 215 10.18 -17.54 2.01
N GLY B 216 9.41 -18.62 2.04
CA GLY B 216 8.53 -18.95 0.93
C GLY B 216 7.77 -20.22 1.27
N ALA B 217 6.63 -20.39 0.59
CA ALA B 217 5.76 -21.50 0.93
C ALA B 217 6.16 -22.77 0.17
N LEU B 218 5.89 -23.90 0.82
CA LEU B 218 6.08 -25.23 0.25
C LEU B 218 4.77 -25.99 0.36
N PHE B 219 4.29 -26.51 -0.77
CA PHE B 219 3.02 -27.24 -0.81
C PHE B 219 3.29 -28.74 -0.77
N THR B 220 3.03 -29.36 0.37
CA THR B 220 3.06 -30.80 0.52
C THR B 220 1.63 -31.35 0.51
N VAL B 221 1.50 -32.61 0.14
CA VAL B 221 0.19 -33.22 -0.10
C VAL B 221 -0.32 -33.96 1.13
N GLY B 222 0.54 -34.69 1.84
CA GLY B 222 0.08 -35.46 2.98
C GLY B 222 1.07 -35.55 4.12
N TYR B 223 2.36 -35.50 3.80
CA TYR B 223 3.40 -35.53 4.81
C TYR B 223 3.76 -34.11 5.24
N SER B 224 4.66 -34.00 6.21
CA SER B 224 5.11 -32.70 6.70
C SER B 224 6.16 -32.13 5.76
N ALA B 225 6.26 -30.80 5.74
CA ALA B 225 7.26 -30.16 4.91
C ALA B 225 8.66 -30.39 5.45
N TYR B 226 8.79 -30.57 6.77
CA TYR B 226 10.10 -30.86 7.34
C TYR B 226 10.66 -32.15 6.80
N SER B 227 9.89 -33.24 6.87
CA SER B 227 10.41 -34.57 6.54
C SER B 227 10.69 -34.72 5.05
N THR B 228 10.04 -33.95 4.18
CA THR B 228 10.27 -34.14 2.75
C THR B 228 11.59 -33.55 2.32
N ILE B 229 12.09 -32.51 3.01
CA ILE B 229 13.35 -31.87 2.63
C ILE B 229 14.51 -32.29 3.53
N SER B 230 14.25 -32.73 4.75
CA SER B 230 15.34 -33.29 5.55
C SER B 230 15.81 -34.62 4.97
N SER B 231 14.91 -35.36 4.33
CA SER B 231 15.22 -36.60 3.64
C SER B 231 15.41 -36.40 2.15
N ALA B 232 15.54 -35.15 1.71
CA ALA B 232 15.80 -34.83 0.31
C ALA B 232 17.30 -34.88 0.08
N LYS B 233 17.74 -35.76 -0.80
CA LYS B 233 19.17 -36.01 -0.95
C LYS B 233 19.84 -34.96 -1.80
N GLU B 234 19.23 -34.60 -2.94
CA GLU B 234 19.81 -33.55 -3.79
C GLU B 234 19.89 -32.22 -3.07
N VAL B 235 19.08 -32.02 -2.02
CA VAL B 235 19.15 -30.79 -1.24
C VAL B 235 20.45 -30.73 -0.46
N GLN B 236 20.85 -31.84 0.17
CA GLN B 236 22.08 -31.87 0.93
C GLN B 236 23.30 -31.75 0.02
N GLN B 237 23.20 -32.19 -1.23
CA GLN B 237 24.29 -32.01 -2.18
C GLN B 237 24.55 -30.53 -2.43
N ASP B 238 23.47 -29.74 -2.52
CA ASP B 238 23.59 -28.30 -2.75
C ASP B 238 23.98 -27.56 -1.47
N LEU B 239 23.48 -28.01 -0.31
CA LEU B 239 23.92 -27.42 0.96
C LEU B 239 25.42 -27.56 1.15
N ASP B 240 25.95 -28.77 0.96
CA ASP B 240 27.37 -28.99 1.20
C ASP B 240 28.22 -28.32 0.13
N LYS B 241 27.82 -28.43 -1.14
CA LYS B 241 28.55 -27.77 -2.21
C LYS B 241 28.67 -26.27 -1.96
N LEU B 242 27.60 -25.66 -1.41
CA LEU B 242 27.61 -24.22 -1.13
C LEU B 242 28.64 -23.88 -0.06
N THR B 243 28.68 -24.65 1.04
CA THR B 243 29.67 -24.43 2.07
C THR B 243 31.08 -24.37 1.49
N GLN B 244 31.37 -25.28 0.56
CA GLN B 244 32.67 -25.27 -0.10
C GLN B 244 32.89 -23.98 -0.88
N LEU B 245 31.83 -23.46 -1.52
CA LEU B 245 31.99 -22.33 -2.41
C LEU B 245 32.12 -21.01 -1.65
N GLN B 246 31.36 -20.83 -0.56
CA GLN B 246 31.43 -19.63 0.27
C GLN B 246 32.74 -19.50 1.05
N THR B 247 33.76 -20.30 0.75
CA THR B 247 35.02 -20.22 1.46
C THR B 247 36.18 -19.83 0.56
N LEU B 248 35.99 -19.85 -0.76
CA LEU B 248 37.00 -19.44 -1.72
C LEU B 248 36.90 -17.97 -2.10
N ALA B 249 35.84 -17.29 -1.69
CA ALA B 249 35.60 -15.90 -2.06
C ALA B 249 35.66 -15.00 -0.83
N SER B 250 35.89 -13.71 -1.08
CA SER B 250 36.06 -12.75 0.00
C SER B 250 34.72 -12.44 0.67
N GLU B 251 34.81 -11.71 1.78
CA GLU B 251 33.62 -11.46 2.60
C GLU B 251 32.58 -10.65 1.82
N GLU B 252 33.03 -9.69 1.02
CA GLU B 252 32.08 -8.90 0.23
C GLU B 252 31.55 -9.71 -0.95
N ALA B 253 32.42 -10.48 -1.61
CA ALA B 253 32.00 -11.26 -2.76
C ALA B 253 30.92 -12.26 -2.38
N GLN B 254 30.98 -12.80 -1.16
CA GLN B 254 29.91 -13.68 -0.69
C GLN B 254 28.59 -12.93 -0.63
N ALA B 255 28.59 -11.77 0.04
CA ALA B 255 27.37 -10.97 0.16
C ALA B 255 26.87 -10.52 -1.20
N ALA B 256 27.79 -10.18 -2.11
CA ALA B 256 27.40 -9.81 -3.47
C ALA B 256 26.77 -10.99 -4.19
N ALA B 257 27.40 -12.17 -4.09
CA ALA B 257 26.92 -13.35 -4.81
C ALA B 257 25.60 -13.84 -4.26
N ILE B 258 25.41 -13.75 -2.95
CA ILE B 258 24.13 -14.14 -2.35
C ILE B 258 22.99 -13.34 -2.96
N THR B 259 23.13 -12.00 -2.98
CA THR B 259 22.02 -11.13 -3.34
C THR B 259 21.65 -11.23 -4.82
N LYS B 260 22.62 -11.47 -5.70
CA LYS B 260 22.29 -11.70 -7.11
C LYS B 260 21.34 -12.88 -7.26
N ALA B 261 21.49 -13.90 -6.42
CA ALA B 261 20.63 -15.07 -6.49
C ALA B 261 19.25 -14.81 -5.90
N ILE B 262 19.18 -14.09 -4.78
CA ILE B 262 17.89 -13.73 -4.20
C ILE B 262 17.07 -12.92 -5.18
N ILE B 263 17.71 -11.93 -5.82
CA ILE B 263 17.01 -11.13 -6.82
C ILE B 263 16.63 -11.98 -8.03
N GLN B 264 17.55 -12.85 -8.47
CA GLN B 264 17.25 -13.76 -9.57
C GLN B 264 16.09 -14.68 -9.23
N THR B 265 15.94 -15.04 -7.96
CA THR B 265 14.78 -15.84 -7.54
C THR B 265 13.52 -14.99 -7.59
N LEU B 266 13.57 -13.79 -7.02
CA LEU B 266 12.43 -12.87 -7.06
C LEU B 266 12.00 -12.60 -8.49
N SER B 267 12.97 -12.32 -9.37
CA SER B 267 12.64 -12.09 -10.77
C SER B 267 11.91 -13.29 -11.37
N ASN B 268 12.31 -14.50 -10.97
CA ASN B 268 11.65 -15.70 -11.50
C ASN B 268 10.27 -15.89 -10.90
N MET B 269 10.11 -15.59 -9.61
CA MET B 269 8.79 -15.71 -8.98
C MET B 269 7.79 -14.77 -9.64
N SER B 270 8.14 -13.49 -9.76
CA SER B 270 7.21 -12.51 -10.32
C SER B 270 6.93 -12.76 -11.79
N GLU B 271 7.79 -13.49 -12.48
CA GLU B 271 7.48 -13.87 -13.86
C GLU B 271 6.33 -14.89 -13.93
N GLU B 272 5.87 -15.39 -12.78
CA GLU B 272 4.66 -16.19 -12.72
C GLU B 272 3.39 -15.34 -12.74
N PHE B 273 3.53 -14.02 -12.54
CA PHE B 273 2.37 -13.13 -12.68
C PHE B 273 1.83 -13.17 -14.10
N LEU B 274 2.72 -13.26 -15.10
CA LEU B 274 2.30 -13.25 -16.50
C LEU B 274 1.34 -14.38 -16.83
N LYS B 275 1.26 -15.41 -15.99
CA LYS B 275 0.29 -16.48 -16.19
C LYS B 275 -1.13 -15.98 -16.00
N ILE B 276 -1.33 -14.96 -15.17
CA ILE B 276 -2.66 -14.43 -14.94
C ILE B 276 -3.22 -13.75 -16.19
N ASP B 277 -2.36 -13.33 -17.11
CA ASP B 277 -2.82 -12.71 -18.36
C ASP B 277 -3.35 -13.74 -19.35
N ASP B 278 -3.32 -15.03 -19.01
CA ASP B 278 -3.94 -16.07 -19.82
C ASP B 278 -5.09 -16.76 -19.12
N SER B 279 -4.98 -16.98 -17.81
CA SER B 279 -6.02 -17.68 -17.06
C SER B 279 -7.20 -16.77 -16.75
N LEU B 280 -6.94 -15.59 -16.20
CA LEU B 280 -8.02 -14.68 -15.84
C LEU B 280 -8.85 -14.22 -17.05
N PRO B 281 -8.26 -13.92 -18.22
CA PRO B 281 -9.14 -13.66 -19.38
C PRO B 281 -9.98 -14.85 -19.76
N ALA B 282 -9.43 -16.06 -19.72
CA ALA B 282 -10.22 -17.25 -20.00
C ALA B 282 -11.34 -17.45 -18.99
N LEU B 283 -11.21 -16.87 -17.80
CA LEU B 283 -12.33 -16.87 -16.87
C LEU B 283 -13.40 -15.86 -17.29
N SER B 284 -12.97 -14.68 -17.77
CA SER B 284 -13.92 -13.71 -18.31
C SER B 284 -14.67 -14.29 -19.49
N LEU B 285 -13.99 -15.08 -20.32
CA LEU B 285 -14.63 -15.70 -21.46
C LEU B 285 -15.67 -16.73 -21.04
N LEU B 286 -15.45 -17.40 -19.91
CA LEU B 286 -16.46 -18.35 -19.43
C LEU B 286 -17.77 -17.63 -19.11
N TRP B 287 -17.67 -16.44 -18.53
CA TRP B 287 -18.87 -15.64 -18.28
C TRP B 287 -19.43 -15.05 -19.58
N GLN B 288 -18.56 -14.68 -20.52
CA GLN B 288 -19.02 -14.19 -21.82
C GLN B 288 -19.89 -15.23 -22.51
N ASP B 289 -19.39 -16.48 -22.61
CA ASP B 289 -20.16 -17.54 -23.25
C ASP B 289 -21.53 -17.69 -22.59
N GLU B 290 -21.60 -17.56 -21.27
CA GLU B 290 -22.87 -17.65 -20.56
C GLU B 290 -23.76 -16.45 -20.85
N LEU B 291 -23.17 -15.29 -21.12
CA LEU B 291 -23.95 -14.12 -21.47
C LEU B 291 -24.60 -14.28 -22.84
N ASP B 292 -23.83 -14.74 -23.83
CA ASP B 292 -24.37 -14.91 -25.17
C ASP B 292 -25.46 -15.97 -25.22
N LYS B 293 -25.43 -16.93 -24.30
CA LYS B 293 -26.53 -17.89 -24.22
C LYS B 293 -27.78 -17.25 -23.63
N VAL B 294 -27.61 -16.45 -22.58
CA VAL B 294 -28.76 -15.78 -21.97
C VAL B 294 -29.28 -14.68 -22.89
N ASN B 295 -28.39 -13.94 -23.54
CA ASN B 295 -28.82 -12.90 -24.47
C ASN B 295 -29.59 -13.50 -25.64
N GLU B 296 -29.09 -14.59 -26.21
CA GLU B 296 -29.77 -15.20 -27.34
C GLU B 296 -31.12 -15.80 -26.95
N LEU B 297 -31.35 -16.07 -25.67
N LEU B 297 -31.34 -16.04 -25.66
CA LEU B 297 -32.63 -16.64 -25.24
CA LEU B 297 -32.58 -16.64 -25.20
C LEU B 297 -33.68 -15.58 -24.98
C LEU B 297 -33.66 -15.58 -24.98
N ILE B 298 -33.30 -14.44 -24.38
CA ILE B 298 -34.26 -13.38 -24.16
C ILE B 298 -34.67 -12.74 -25.49
N ASN B 299 -33.75 -12.67 -26.45
CA ASN B 299 -34.10 -12.22 -27.79
C ASN B 299 -35.10 -13.15 -28.46
N ALA B 300 -35.12 -14.42 -28.06
CA ALA B 300 -36.08 -15.37 -28.61
C ALA B 300 -37.41 -15.36 -27.86
N LEU B 301 -37.40 -15.08 -26.56
CA LEU B 301 -38.65 -14.96 -25.82
C LEU B 301 -39.38 -13.67 -26.17
N GLN B 302 -38.65 -12.56 -26.19
CA GLN B 302 -39.21 -11.27 -26.60
C GLN B 302 -39.71 -11.30 -28.04
N SER B 303 -39.19 -12.21 -28.86
CA SER B 303 -39.68 -12.36 -30.23
C SER B 303 -40.98 -13.14 -30.31
N GLY B 304 -41.41 -13.79 -29.22
CA GLY B 304 -42.68 -14.47 -29.17
C GLY B 304 -42.63 -15.97 -29.37
N SER B 305 -41.45 -16.54 -29.59
CA SER B 305 -41.34 -17.97 -29.79
C SER B 305 -41.77 -18.73 -28.55
N ASP B 306 -42.26 -19.96 -28.76
CA ASP B 306 -42.76 -20.78 -27.67
C ASP B 306 -41.64 -21.05 -26.66
N PRO B 307 -41.89 -20.88 -25.36
CA PRO B 307 -40.82 -21.18 -24.39
C PRO B 307 -40.46 -22.65 -24.36
N ALA B 308 -41.46 -23.54 -24.42
CA ALA B 308 -41.21 -24.97 -24.45
C ALA B 308 -40.80 -25.38 -25.86
N LEU B 309 -39.83 -24.70 -26.42
CA LEU B 309 -39.31 -25.03 -27.74
C LEU B 309 -37.86 -24.63 -27.89
N LEU B 310 -37.24 -24.02 -26.89
CA LEU B 310 -35.85 -23.61 -26.94
C LEU B 310 -35.05 -24.60 -26.10
N THR B 311 -34.22 -25.41 -26.76
CA THR B 311 -33.57 -26.52 -26.05
C THR B 311 -32.77 -26.04 -24.85
N ASP B 312 -32.19 -24.85 -24.92
CA ASP B 312 -31.45 -24.31 -23.78
C ASP B 312 -32.34 -24.10 -22.55
N LEU B 313 -33.66 -24.02 -22.76
CA LEU B 313 -34.58 -23.74 -21.65
C LEU B 313 -35.11 -25.00 -21.01
N GLN B 314 -35.44 -26.03 -21.80
CA GLN B 314 -35.96 -27.28 -21.27
C GLN B 314 -34.89 -28.13 -20.58
N THR B 315 -33.61 -27.95 -20.95
CA THR B 315 -32.50 -28.64 -20.28
C THR B 315 -31.90 -27.82 -19.16
N ILE B 316 -32.70 -26.98 -18.49
CA ILE B 316 -32.16 -26.12 -17.44
C ILE B 316 -31.85 -26.88 -16.15
N LYS B 317 -32.51 -28.02 -15.92
CA LYS B 317 -32.26 -28.78 -14.71
C LYS B 317 -30.91 -29.47 -14.77
N ILE B 318 -30.53 -29.99 -15.95
CA ILE B 318 -29.21 -30.60 -16.07
C ILE B 318 -28.12 -29.52 -16.12
N ALA B 319 -28.46 -28.32 -16.58
CA ALA B 319 -27.54 -27.19 -16.49
C ALA B 319 -27.41 -26.70 -15.06
N SER B 320 -28.47 -26.83 -14.26
CA SER B 320 -28.39 -26.44 -12.85
C SER B 320 -27.46 -27.35 -12.07
N ALA B 321 -27.57 -28.67 -12.30
CA ALA B 321 -26.71 -29.61 -11.62
C ALA B 321 -25.24 -29.40 -11.97
N SER B 322 -24.97 -28.84 -13.16
CA SER B 322 -23.59 -28.53 -13.52
C SER B 322 -23.07 -27.33 -12.72
N TRP B 323 -23.93 -26.36 -12.42
CA TRP B 323 -23.52 -25.27 -11.53
C TRP B 323 -23.42 -25.75 -10.10
N LYS B 324 -24.27 -26.68 -9.69
CA LYS B 324 -24.24 -27.18 -8.32
C LYS B 324 -22.89 -27.79 -7.97
N THR B 325 -22.22 -28.42 -8.95
CA THR B 325 -20.90 -29.00 -8.67
C THR B 325 -19.80 -27.95 -8.77
N ILE B 326 -19.94 -27.00 -9.72
CA ILE B 326 -18.96 -25.92 -9.82
C ILE B 326 -18.93 -25.11 -8.52
N SER B 327 -20.11 -24.79 -7.98
CA SER B 327 -20.17 -24.06 -6.73
C SER B 327 -19.57 -24.88 -5.58
N GLU B 328 -19.72 -26.21 -5.62
CA GLU B 328 -19.08 -27.05 -4.62
C GLU B 328 -17.57 -27.04 -4.79
N PHE B 329 -17.08 -27.06 -6.03
CA PHE B 329 -15.63 -27.04 -6.25
C PHE B 329 -15.02 -25.73 -5.79
N VAL B 330 -15.73 -24.61 -5.98
CA VAL B 330 -15.21 -23.32 -5.55
C VAL B 330 -15.12 -23.24 -4.03
N GLN B 331 -16.07 -23.86 -3.33
CA GLN B 331 -16.04 -23.85 -1.87
C GLN B 331 -14.85 -24.61 -1.30
N LEU B 332 -14.21 -25.47 -2.10
CA LEU B 332 -13.05 -26.24 -1.63
C LEU B 332 -11.75 -25.44 -1.74
N ILE B 333 -11.56 -24.69 -2.84
CA ILE B 333 -10.39 -23.83 -2.96
C ILE B 333 -10.50 -22.56 -2.12
N SER B 334 -11.70 -22.22 -1.64
CA SER B 334 -11.89 -21.06 -0.79
C SER B 334 -11.48 -21.29 0.66
N LEU B 335 -11.42 -22.54 1.09
CA LEU B 335 -11.11 -22.84 2.48
C LEU B 335 -9.71 -22.34 2.83
N PRO B 336 -9.51 -21.88 4.06
CA PRO B 336 -8.16 -21.45 4.48
C PRO B 336 -7.19 -22.63 4.43
N PRO B 337 -6.00 -22.42 3.85
CA PRO B 337 -5.08 -23.55 3.68
C PRO B 337 -4.62 -24.09 5.03
N ASN B 338 -4.43 -25.41 5.07
CA ASN B 338 -3.86 -26.03 6.26
C ASN B 338 -2.41 -25.57 6.40
N VAL B 339 -2.10 -24.93 7.52
CA VAL B 339 -0.78 -24.35 7.73
C VAL B 339 0.08 -25.37 8.48
N GLY B 340 1.22 -25.71 7.89
CA GLY B 340 2.15 -26.64 8.50
C GLY B 340 3.17 -25.96 9.38
N LYS B 341 4.07 -26.77 9.93
CA LYS B 341 5.10 -26.22 10.81
C LYS B 341 6.23 -25.63 9.97
N PRO B 342 6.69 -24.43 10.27
CA PRO B 342 7.74 -23.80 9.46
C PRO B 342 9.05 -24.57 9.54
N VAL B 343 9.85 -24.38 8.49
CA VAL B 343 11.14 -25.06 8.35
C VAL B 343 12.21 -24.01 8.10
N LEU B 344 13.28 -24.06 8.89
CA LEU B 344 14.43 -23.19 8.70
C LEU B 344 15.57 -24.02 8.11
N VAL B 345 16.03 -23.63 6.91
CA VAL B 345 17.16 -24.28 6.25
C VAL B 345 18.38 -23.39 6.40
N ASN B 346 19.04 -23.48 7.56
CA ASN B 346 20.22 -22.66 7.84
C ASN B 346 21.43 -23.18 7.06
N THR B 347 21.98 -22.35 6.17
CA THR B 347 23.08 -22.79 5.33
C THR B 347 24.45 -22.54 5.92
N LEU B 348 24.57 -21.64 6.90
CA LEU B 348 25.86 -21.43 7.55
C LEU B 348 26.10 -22.41 8.69
N ASN B 349 25.07 -23.11 9.14
CA ASN B 349 25.21 -24.23 10.06
C ASN B 349 24.95 -25.58 9.42
N ASN B 350 24.48 -25.60 8.17
CA ASN B 350 24.12 -26.82 7.44
C ASN B 350 23.03 -27.62 8.14
N THR B 351 22.22 -26.96 8.97
CA THR B 351 21.17 -27.60 9.74
C THR B 351 19.79 -27.33 9.12
N ILE B 352 18.85 -28.22 9.42
CA ILE B 352 17.48 -28.15 8.91
C ILE B 352 16.57 -28.45 10.11
N GLN B 353 16.15 -27.41 10.82
CA GLN B 353 15.30 -27.56 11.99
C GLN B 353 13.84 -27.38 11.59
N GLU B 354 12.95 -27.40 12.58
CA GLU B 354 11.53 -27.19 12.35
C GLU B 354 10.99 -26.34 13.49
N GLN B 355 10.58 -25.11 13.18
CA GLN B 355 10.00 -24.24 14.20
C GLN B 355 8.49 -24.41 14.25
#